data_9IUD
#
_entry.id   9IUD
#
_cell.length_a   82.545
_cell.length_b   110.246
_cell.length_c   117.057
_cell.angle_alpha   90.00
_cell.angle_beta   90.00
_cell.angle_gamma   90.00
#
_symmetry.space_group_name_H-M   'P 21 21 21'
#
loop_
_entity.id
_entity.type
_entity.pdbx_description
1 polymer 'Oxidized low-density lipoprotein receptor 1'
2 non-polymer 9-chloranyl-5-propyl-11~{H}-pyrido[2,3-b][1,4]benzodiazepin-6-one
3 non-polymer GLYCEROL
4 water water
#
_entity_poly.entity_id   1
_entity_poly.type   'polypeptide(L)'
_entity_poly.pdbx_seq_one_letter_code
;RVANCSAPCPQDWIWHGENCYLFSSGSFNWEKSQEKCLSLDAKLLKINSTADLDFIQQAISYSSFPFWMGLSRRNPSYPW
LWEDGSPLMPHLFRVRGAVSQTYPSGTCAYIQRGAVYAENCILAAFSICQKKANLRAQ
;
_entity_poly.pdbx_strand_id   A,B,C,D,E,F,G,H
#
loop_
_chem_comp.id
_chem_comp.type
_chem_comp.name
_chem_comp.formula
GOL non-polymer GLYCEROL 'C3 H8 O3'
NJT non-polymer 9-chloranyl-5-propyl-11~{H}-pyrido[2,3-b][1,4]benzodiazepin-6-one 'C15 H14 Cl N3 O'
#
# COMPACT_ATOMS: atom_id res chain seq x y z
N CYS A 5 -39.91 -14.48 21.02
CA CYS A 5 -38.74 -15.23 21.42
C CYS A 5 -37.44 -14.73 20.77
N SER A 6 -37.58 -13.88 19.74
CA SER A 6 -36.43 -13.44 18.97
C SER A 6 -35.86 -12.13 19.51
N ALA A 7 -34.54 -11.98 19.31
CA ALA A 7 -33.85 -10.77 19.73
C ALA A 7 -34.18 -9.63 18.79
N PRO A 8 -34.25 -8.39 19.29
CA PRO A 8 -34.41 -7.24 18.38
C PRO A 8 -33.30 -7.16 17.33
N CYS A 9 -32.07 -7.21 17.81
CA CYS A 9 -30.91 -7.08 16.89
C CYS A 9 -29.95 -8.25 17.05
N PRO A 10 -29.26 -8.65 15.98
CA PRO A 10 -28.28 -9.71 16.07
C PRO A 10 -27.07 -9.29 16.91
N GLN A 11 -26.29 -10.26 17.38
CA GLN A 11 -25.11 -9.94 18.16
C GLN A 11 -24.23 -8.97 17.38
N ASP A 12 -23.52 -8.12 18.11
CA ASP A 12 -22.55 -7.13 17.64
C ASP A 12 -23.25 -5.87 17.05
N TRP A 13 -24.56 -5.87 16.88
CA TRP A 13 -25.30 -4.69 16.47
C TRP A 13 -25.70 -3.83 17.69
N ILE A 14 -26.06 -2.59 17.41
CA ILE A 14 -26.58 -1.66 18.41
C ILE A 14 -28.06 -1.52 18.15
N TRP A 15 -28.87 -1.79 19.15
CA TRP A 15 -30.31 -1.64 19.03
C TRP A 15 -30.66 -0.24 19.51
N HIS A 16 -31.31 0.54 18.65
CA HIS A 16 -31.74 1.88 19.02
C HIS A 16 -33.09 2.15 18.36
N GLY A 17 -34.08 2.40 19.20
CA GLY A 17 -35.40 2.75 18.70
C GLY A 17 -35.97 1.62 17.88
N GLU A 18 -36.28 1.92 16.63
CA GLU A 18 -36.87 0.96 15.72
C GLU A 18 -35.82 0.21 14.89
N ASN A 19 -34.54 0.55 15.02
CA ASN A 19 -33.52 0.06 14.09
C ASN A 19 -32.37 -0.65 14.80
N CYS A 20 -31.61 -1.43 14.02
CA CYS A 20 -30.33 -2.01 14.41
C CYS A 20 -29.22 -1.34 13.60
N TYR A 21 -28.10 -1.01 14.23
CA TYR A 21 -26.95 -0.40 13.56
C TYR A 21 -25.71 -1.27 13.74
N LEU A 22 -24.92 -1.41 12.67
CA LEU A 22 -23.68 -2.16 12.73
C LEU A 22 -22.55 -1.27 12.22
N PHE A 23 -21.63 -0.91 13.12
CA PHE A 23 -20.49 -0.12 12.71
C PHE A 23 -19.48 -1.04 12.06
N SER A 24 -18.88 -0.59 10.96
CA SER A 24 -17.85 -1.38 10.33
C SER A 24 -16.63 -1.49 11.23
N SER A 25 -15.86 -2.56 11.02
CA SER A 25 -14.65 -2.77 11.78
C SER A 25 -13.40 -2.28 11.06
N GLY A 26 -13.56 -1.69 9.87
CA GLY A 26 -12.48 -1.21 9.03
C GLY A 26 -13.04 -0.25 8.00
N SER A 27 -12.15 0.35 7.23
CA SER A 27 -12.52 1.32 6.22
C SER A 27 -12.48 0.68 4.83
N PHE A 28 -13.53 0.90 4.06
CA PHE A 28 -13.72 0.26 2.77
C PHE A 28 -14.43 1.25 1.85
N ASN A 29 -14.31 1.03 0.55
CA ASN A 29 -14.99 1.95 -0.36
C ASN A 29 -16.51 1.75 -0.29
N TRP A 30 -17.24 2.66 -0.95
CA TRP A 30 -18.69 2.69 -0.78
C TRP A 30 -19.33 1.45 -1.37
N GLU A 31 -18.79 0.96 -2.49
CA GLU A 31 -19.33 -0.26 -3.11
C GLU A 31 -19.16 -1.46 -2.18
N LYS A 32 -17.95 -1.64 -1.62
CA LYS A 32 -17.75 -2.70 -0.64
C LYS A 32 -18.63 -2.52 0.58
N SER A 33 -18.73 -1.28 1.06
CA SER A 33 -19.55 -1.02 2.23
C SER A 33 -20.98 -1.38 1.96
N GLN A 34 -21.50 -0.95 0.81
CA GLN A 34 -22.86 -1.31 0.42
C GLN A 34 -23.01 -2.82 0.30
N GLU A 35 -22.04 -3.48 -0.35
CA GLU A 35 -22.10 -4.94 -0.47
C GLU A 35 -22.18 -5.62 0.89
N LYS A 36 -21.35 -5.19 1.85
CA LYS A 36 -21.47 -5.65 3.23
C LYS A 36 -22.90 -5.60 3.76
N CYS A 37 -23.55 -4.43 3.76
CA CYS A 37 -24.86 -4.35 4.41
C CYS A 37 -25.89 -5.22 3.67
N LEU A 38 -25.80 -5.23 2.34
CA LEU A 38 -26.70 -6.07 1.55
C LEU A 38 -26.52 -7.53 1.92
N SER A 39 -25.28 -7.95 2.15
CA SER A 39 -25.03 -9.34 2.54
C SER A 39 -25.61 -9.64 3.91
N LEU A 40 -26.04 -8.63 4.64
CA LEU A 40 -26.57 -8.80 6.01
C LEU A 40 -28.05 -8.47 6.03
N ASP A 41 -28.69 -8.52 4.86
CA ASP A 41 -30.09 -8.15 4.69
C ASP A 41 -30.34 -6.76 5.26
N ALA A 42 -29.39 -5.85 5.01
CA ALA A 42 -29.44 -4.52 5.59
C ALA A 42 -29.15 -3.52 4.49
N LYS A 43 -29.07 -2.26 4.92
CA LYS A 43 -28.64 -1.23 3.97
C LYS A 43 -27.68 -0.28 4.68
N LEU A 44 -26.99 0.52 3.90
CA LEU A 44 -26.12 1.55 4.50
C LEU A 44 -26.99 2.56 5.29
N LEU A 45 -26.38 3.24 6.25
CA LEU A 45 -27.13 4.21 7.10
C LEU A 45 -28.08 5.12 6.32
N LYS A 46 -29.37 5.05 6.66
CA LYS A 46 -30.35 5.99 6.08
C LYS A 46 -30.88 6.91 7.20
N ILE A 47 -30.56 8.18 7.09
CA ILE A 47 -31.01 9.17 8.10
C ILE A 47 -32.35 9.74 7.64
N ASN A 48 -33.42 9.33 8.30
CA ASN A 48 -34.77 9.78 7.88
C ASN A 48 -35.42 10.75 8.90
N SER A 49 -34.65 11.22 9.86
CA SER A 49 -35.20 12.11 10.91
C SER A 49 -34.08 12.85 11.64
N THR A 50 -34.44 13.98 12.24
CA THR A 50 -33.46 14.66 13.08
C THR A 50 -33.03 13.76 14.23
N ALA A 51 -33.97 12.97 14.76
CA ALA A 51 -33.64 12.01 15.81
C ALA A 51 -32.57 11.00 15.36
N ASP A 52 -32.70 10.46 14.14
CA ASP A 52 -31.66 9.59 13.59
C ASP A 52 -30.33 10.33 13.52
N LEU A 53 -30.35 11.56 12.99
CA LEU A 53 -29.11 12.30 12.85
C LEU A 53 -28.46 12.53 14.20
N ASP A 54 -29.25 13.04 15.16
CA ASP A 54 -28.73 13.23 16.51
C ASP A 54 -28.14 11.95 17.07
N PHE A 55 -28.85 10.83 16.94
CA PHE A 55 -28.33 9.57 17.46
C PHE A 55 -27.01 9.18 16.80
N ILE A 56 -26.92 9.32 15.47
CA ILE A 56 -25.68 8.96 14.79
C ILE A 56 -24.56 9.90 15.22
N GLN A 57 -24.86 11.18 15.40
CA GLN A 57 -23.83 12.13 15.82
C GLN A 57 -23.25 11.71 17.17
N GLN A 58 -24.09 11.24 18.09
CA GLN A 58 -23.56 10.81 19.38
C GLN A 58 -22.85 9.46 19.28
N ALA A 59 -23.35 8.54 18.46
CA ALA A 59 -22.64 7.27 18.27
C ALA A 59 -21.25 7.49 17.66
N ILE A 60 -21.10 8.44 16.75
CA ILE A 60 -19.78 8.66 16.17
C ILE A 60 -19.01 9.77 16.89
N SER A 61 -19.53 10.28 18.02
CA SER A 61 -18.77 11.31 18.73
C SER A 61 -17.49 10.74 19.36
N TYR A 62 -17.32 9.43 19.37
CA TYR A 62 -16.08 8.79 19.81
C TYR A 62 -15.01 8.76 18.73
N SER A 63 -15.26 9.36 17.58
CA SER A 63 -14.48 9.12 16.37
C SER A 63 -14.30 10.40 15.58
N SER A 64 -13.09 10.60 15.08
CA SER A 64 -12.87 11.64 14.09
C SER A 64 -12.92 11.10 12.66
N PHE A 65 -13.28 9.82 12.46
CA PHE A 65 -13.19 9.19 11.14
C PHE A 65 -14.43 9.49 10.29
N PRO A 66 -14.33 9.31 8.96
CA PRO A 66 -15.52 9.39 8.10
C PRO A 66 -16.28 8.08 8.02
N PHE A 67 -17.62 8.18 8.02
CA PHE A 67 -18.54 7.05 7.92
C PHE A 67 -19.46 7.21 6.72
N TRP A 68 -19.39 6.28 5.77
CA TRP A 68 -20.29 6.31 4.62
C TRP A 68 -21.72 6.12 5.07
N MET A 69 -22.64 6.84 4.42
CA MET A 69 -24.06 6.58 4.58
C MET A 69 -24.61 6.19 3.22
N GLY A 70 -25.87 5.81 3.19
CA GLY A 70 -26.43 5.25 1.96
C GLY A 70 -26.90 6.27 0.95
N LEU A 71 -26.39 7.50 1.03
CA LEU A 71 -26.81 8.58 0.15
C LEU A 71 -25.75 8.80 -0.90
N SER A 72 -26.17 8.84 -2.18
CA SER A 72 -25.22 8.87 -3.28
C SER A 72 -25.88 9.42 -4.55
N ARG A 73 -25.01 9.73 -5.53
CA ARG A 73 -25.45 10.04 -6.89
C ARG A 73 -24.27 9.87 -7.83
N ARG A 74 -24.56 9.45 -9.07
CA ARG A 74 -23.49 9.16 -10.06
C ARG A 74 -22.73 10.43 -10.44
N ASN A 75 -23.41 11.57 -10.54
CA ASN A 75 -22.84 12.86 -10.89
C ASN A 75 -23.91 13.93 -10.59
N PRO A 76 -23.57 15.22 -10.65
CA PRO A 76 -24.55 16.26 -10.29
C PRO A 76 -25.77 16.31 -11.18
N SER A 77 -25.79 15.60 -12.30
CA SER A 77 -26.97 15.62 -13.17
C SER A 77 -28.06 14.67 -12.71
N TYR A 78 -27.68 13.74 -11.80
CA TYR A 78 -28.61 12.80 -11.13
C TYR A 78 -28.99 13.39 -9.77
N PRO A 79 -30.15 13.07 -9.19
CA PRO A 79 -30.49 13.55 -7.86
C PRO A 79 -29.81 12.80 -6.72
N TRP A 80 -29.70 13.45 -5.56
CA TRP A 80 -29.17 12.76 -4.36
C TRP A 80 -30.26 11.78 -3.88
N LEU A 81 -29.93 10.50 -3.79
CA LEU A 81 -30.92 9.51 -3.42
C LEU A 81 -30.32 8.53 -2.43
N TRP A 82 -31.15 8.11 -1.45
CA TRP A 82 -30.80 6.96 -0.64
C TRP A 82 -30.86 5.69 -1.50
N GLU A 83 -30.27 4.63 -0.96
CA GLU A 83 -30.20 3.37 -1.69
C GLU A 83 -31.57 2.89 -2.14
N ASP A 84 -32.60 3.10 -1.33
CA ASP A 84 -33.97 2.62 -1.65
C ASP A 84 -34.67 3.53 -2.67
N GLY A 85 -34.02 4.61 -3.10
CA GLY A 85 -34.60 5.54 -4.05
C GLY A 85 -35.27 6.75 -3.44
N SER A 86 -35.45 6.79 -2.14
CA SER A 86 -36.13 7.91 -1.54
C SER A 86 -35.23 9.13 -1.60
N PRO A 87 -35.81 10.33 -1.58
CA PRO A 87 -35.00 11.53 -1.74
C PRO A 87 -34.35 11.91 -0.42
N LEU A 88 -33.37 12.78 -0.53
CA LEU A 88 -32.85 13.39 0.68
C LEU A 88 -33.98 14.22 1.27
N MET A 89 -34.47 13.81 2.45
CA MET A 89 -35.53 14.48 3.19
C MET A 89 -35.24 15.98 3.16
N PRO A 90 -36.20 16.89 2.88
CA PRO A 90 -35.89 18.33 2.92
C PRO A 90 -35.60 18.96 4.29
N HIS A 91 -34.57 19.80 4.38
CA HIS A 91 -34.29 20.60 5.61
C HIS A 91 -33.70 19.74 6.73
N LEU A 92 -33.11 18.60 6.38
CA LEU A 92 -32.64 17.71 7.44
C LEU A 92 -31.16 17.91 7.74
N PHE A 93 -30.33 17.96 6.69
CA PHE A 93 -28.94 18.37 6.81
C PHE A 93 -28.51 18.85 5.44
N ARG A 94 -27.49 19.71 5.41
CA ARG A 94 -26.88 20.06 4.14
C ARG A 94 -25.72 19.12 3.89
N VAL A 95 -25.57 18.70 2.64
CA VAL A 95 -24.36 18.01 2.21
C VAL A 95 -23.34 19.10 1.89
N ARG A 96 -22.26 19.15 2.67
CA ARG A 96 -21.21 20.14 2.52
C ARG A 96 -20.12 19.64 1.58
N GLY A 97 -19.14 20.49 1.30
CA GLY A 97 -18.02 20.08 0.47
C GLY A 97 -18.36 20.20 -1.01
N ALA A 98 -17.64 19.44 -1.84
CA ALA A 98 -17.66 19.64 -3.29
C ALA A 98 -18.81 18.85 -3.92
N VAL A 99 -20.03 19.37 -3.76
CA VAL A 99 -21.22 18.64 -4.19
C VAL A 99 -21.40 18.60 -5.71
N SER A 100 -20.61 19.35 -6.48
CA SER A 100 -20.81 19.49 -7.92
C SER A 100 -19.67 18.86 -8.73
N GLN A 101 -18.88 17.99 -8.11
CA GLN A 101 -17.79 17.33 -8.81
C GLN A 101 -18.27 16.01 -9.39
N THR A 102 -17.66 15.60 -10.50
CA THR A 102 -18.00 14.37 -11.20
C THR A 102 -16.84 13.41 -11.09
N TYR A 103 -17.06 12.31 -10.37
CA TYR A 103 -16.04 11.29 -10.24
C TYR A 103 -16.38 10.11 -11.14
N PRO A 104 -15.37 9.33 -11.55
CA PRO A 104 -15.65 8.10 -12.31
C PRO A 104 -16.60 7.12 -11.63
N SER A 105 -16.51 6.94 -10.32
CA SER A 105 -17.38 5.98 -9.64
C SER A 105 -18.46 6.64 -8.78
N GLY A 106 -18.82 7.87 -9.09
CA GLY A 106 -19.92 8.53 -8.44
C GLY A 106 -19.52 9.27 -7.18
N THR A 107 -20.49 10.01 -6.65
CA THR A 107 -20.31 10.84 -5.47
C THR A 107 -21.17 10.22 -4.37
N CYS A 108 -20.60 10.06 -3.19
CA CYS A 108 -21.28 9.48 -2.04
C CYS A 108 -21.18 10.41 -0.83
N ALA A 109 -22.15 10.31 0.08
CA ALA A 109 -22.19 11.14 1.26
C ALA A 109 -21.60 10.40 2.45
N TYR A 110 -20.87 11.12 3.31
CA TYR A 110 -20.35 10.55 4.54
C TYR A 110 -20.52 11.57 5.64
N ILE A 111 -20.55 11.06 6.88
CA ILE A 111 -20.64 11.90 8.05
C ILE A 111 -19.28 11.85 8.73
N GLN A 112 -18.82 13.00 9.20
CA GLN A 112 -17.57 13.12 9.91
C GLN A 112 -17.69 14.26 10.88
N ARG A 113 -17.41 14.00 12.15
CA ARG A 113 -17.59 14.98 13.21
C ARG A 113 -18.96 15.64 13.10
N GLY A 114 -19.99 14.81 12.87
CA GLY A 114 -21.37 15.25 12.87
C GLY A 114 -21.85 15.94 11.62
N ALA A 115 -20.95 16.28 10.69
CA ALA A 115 -21.26 17.05 9.49
C ALA A 115 -21.30 16.09 8.31
N VAL A 116 -22.14 16.39 7.33
CA VAL A 116 -22.24 15.50 6.18
C VAL A 116 -21.54 16.14 4.98
N TYR A 117 -20.76 15.33 4.27
CA TYR A 117 -19.95 15.81 3.15
C TYR A 117 -20.13 14.88 1.96
N ALA A 118 -19.84 15.41 0.78
CA ALA A 118 -19.77 14.64 -0.45
C ALA A 118 -18.32 14.28 -0.74
N GLU A 119 -18.14 13.07 -1.23
CA GLU A 119 -16.80 12.64 -1.63
C GLU A 119 -16.85 11.59 -2.73
N ASN A 120 -15.72 11.40 -3.36
CA ASN A 120 -15.55 10.35 -4.36
C ASN A 120 -15.80 8.99 -3.73
N CYS A 121 -16.75 8.22 -4.30
CA CYS A 121 -17.13 6.94 -3.70
C CYS A 121 -15.99 5.94 -3.66
N ILE A 122 -14.88 6.19 -4.36
CA ILE A 122 -13.81 5.20 -4.39
C ILE A 122 -12.99 5.24 -3.10
N LEU A 123 -13.09 6.32 -2.33
CA LEU A 123 -12.33 6.41 -1.08
C LEU A 123 -12.79 5.33 -0.10
N ALA A 124 -11.89 4.97 0.78
CA ALA A 124 -12.22 4.01 1.84
C ALA A 124 -12.63 4.76 3.09
N ALA A 125 -13.74 4.35 3.64
CA ALA A 125 -14.22 4.97 4.88
C ALA A 125 -14.91 3.94 5.73
N PHE A 126 -15.03 4.28 6.99
CA PHE A 126 -15.89 3.44 7.81
C PHE A 126 -17.32 3.53 7.29
N SER A 127 -18.19 2.68 7.83
CA SER A 127 -19.57 2.70 7.40
C SER A 127 -20.44 2.23 8.55
N ILE A 128 -21.75 2.39 8.37
CA ILE A 128 -22.75 1.94 9.32
C ILE A 128 -23.85 1.23 8.56
N CYS A 129 -24.16 -0.02 8.95
CA CYS A 129 -25.28 -0.74 8.36
C CYS A 129 -26.48 -0.56 9.26
N GLN A 130 -27.67 -0.62 8.66
CA GLN A 130 -28.92 -0.33 9.34
C GLN A 130 -29.99 -1.29 8.83
N LYS A 131 -30.78 -1.80 9.77
CA LYS A 131 -31.89 -2.71 9.46
C LYS A 131 -33.01 -2.53 10.50
N LYS A 132 -34.23 -2.84 10.11
CA LYS A 132 -35.32 -2.87 11.05
C LYS A 132 -35.03 -3.82 12.18
N ALA A 133 -35.21 -3.34 13.40
CA ALA A 133 -35.24 -4.22 14.56
C ALA A 133 -36.44 -5.16 14.48
N ASN A 134 -36.24 -6.38 14.95
CA ASN A 134 -37.31 -7.38 14.96
C ASN A 134 -38.03 -7.26 16.30
N LEU A 135 -39.00 -6.36 16.36
CA LEU A 135 -39.53 -6.03 17.70
C LEU A 135 -41.01 -6.31 17.95
N ARG A 136 -41.52 -5.70 19.03
CA ARG A 136 -42.95 -5.82 19.38
C ARG A 136 -43.70 -4.69 18.68
N CYS B 5 -38.55 -13.79 24.26
CA CYS B 5 -39.68 -12.85 24.31
C CYS B 5 -39.26 -11.51 24.95
N SER B 6 -38.15 -11.52 25.69
CA SER B 6 -37.54 -10.32 26.26
C SER B 6 -36.17 -10.10 25.64
N ALA B 7 -35.65 -8.87 25.76
CA ALA B 7 -34.50 -8.56 24.91
C ALA B 7 -33.17 -8.81 25.64
N PRO B 8 -32.20 -9.38 24.92
CA PRO B 8 -30.88 -9.64 25.53
C PRO B 8 -30.28 -8.44 26.23
N CYS B 9 -30.28 -7.29 25.58
CA CYS B 9 -29.55 -6.13 26.08
C CYS B 9 -30.41 -4.88 25.91
N PRO B 10 -30.21 -3.89 26.77
CA PRO B 10 -30.93 -2.63 26.61
C PRO B 10 -30.55 -1.96 25.30
N GLN B 11 -31.38 -1.00 24.90
CA GLN B 11 -31.04 -0.17 23.75
C GLN B 11 -29.73 0.56 24.00
N ASP B 12 -28.97 0.77 22.92
CA ASP B 12 -27.70 1.47 22.87
C ASP B 12 -26.55 0.64 23.39
N TRP B 13 -26.79 -0.53 24.00
CA TRP B 13 -25.74 -1.48 24.34
C TRP B 13 -25.47 -2.38 23.16
N ILE B 14 -24.38 -3.14 23.22
CA ILE B 14 -24.07 -4.14 22.21
C ILE B 14 -24.11 -5.51 22.85
N TRP B 15 -24.97 -6.36 22.32
CA TRP B 15 -25.03 -7.75 22.75
C TRP B 15 -23.91 -8.54 22.08
N HIS B 16 -23.07 -9.17 22.87
CA HIS B 16 -22.10 -10.09 22.32
C HIS B 16 -21.97 -11.29 23.23
N GLY B 17 -22.12 -12.48 22.66
CA GLY B 17 -21.92 -13.69 23.45
C GLY B 17 -22.92 -13.69 24.57
N GLU B 18 -22.43 -13.73 25.81
CA GLU B 18 -23.32 -13.80 26.97
C GLU B 18 -23.42 -12.49 27.73
N ASN B 19 -22.89 -11.39 27.20
CA ASN B 19 -22.84 -10.12 27.90
C ASN B 19 -23.38 -8.98 27.03
N CYS B 20 -23.52 -7.82 27.69
CA CYS B 20 -23.89 -6.57 27.06
C CYS B 20 -22.80 -5.56 27.33
N TYR B 21 -22.51 -4.69 26.35
CA TYR B 21 -21.38 -3.78 26.41
C TYR B 21 -21.82 -2.35 26.08
N LEU B 22 -21.23 -1.37 26.77
CA LEU B 22 -21.56 0.04 26.60
C LEU B 22 -20.33 0.94 26.75
N PHE B 23 -20.17 1.87 25.80
CA PHE B 23 -19.16 2.92 25.97
C PHE B 23 -19.62 3.91 27.02
N SER B 24 -18.71 4.35 27.87
CA SER B 24 -19.02 5.43 28.79
C SER B 24 -19.36 6.71 28.02
N SER B 25 -20.07 7.62 28.69
CA SER B 25 -20.44 8.87 28.05
C SER B 25 -19.39 9.95 28.21
N GLY B 26 -18.56 9.87 29.25
CA GLY B 26 -17.52 10.86 29.47
C GLY B 26 -16.21 10.20 29.83
N SER B 27 -15.15 11.01 29.83
CA SER B 27 -13.79 10.55 30.06
C SER B 27 -13.37 10.96 31.47
N PHE B 28 -13.19 9.98 32.36
CA PHE B 28 -12.93 10.19 33.78
C PHE B 28 -11.80 9.26 34.22
N ASN B 29 -11.53 9.33 35.52
CA ASN B 29 -10.48 8.46 36.11
C ASN B 29 -11.05 7.06 36.37
N TRP B 30 -10.16 6.09 36.56
CA TRP B 30 -10.62 4.70 36.72
C TRP B 30 -11.62 4.56 37.85
N GLU B 31 -11.34 5.20 38.99
CA GLU B 31 -12.24 5.16 40.15
C GLU B 31 -13.65 5.59 39.76
N LYS B 32 -13.80 6.84 39.29
CA LYS B 32 -15.11 7.34 38.86
C LYS B 32 -15.71 6.47 37.77
N SER B 33 -14.88 5.95 36.86
CA SER B 33 -15.45 5.11 35.82
C SER B 33 -16.04 3.83 36.40
N GLN B 34 -15.37 3.25 37.40
CA GLN B 34 -15.92 2.07 38.06
C GLN B 34 -17.24 2.39 38.71
N GLU B 35 -17.39 3.62 39.22
CA GLU B 35 -18.68 4.02 39.86
C GLU B 35 -19.81 4.14 38.83
N LYS B 36 -19.57 4.85 37.72
CA LYS B 36 -20.61 5.05 36.68
C LYS B 36 -21.14 3.71 36.18
N CYS B 37 -20.23 2.77 35.98
CA CYS B 37 -20.62 1.42 35.52
C CYS B 37 -21.48 0.74 36.60
N LEU B 38 -21.05 0.80 37.87
CA LEU B 38 -21.89 0.25 38.94
C LEU B 38 -23.29 0.85 38.89
N SER B 39 -23.38 2.15 38.62
CA SER B 39 -24.70 2.80 38.43
C SER B 39 -25.58 2.02 37.45
N LEU B 40 -25.02 1.53 36.36
CA LEU B 40 -25.83 0.90 35.33
C LEU B 40 -26.06 -0.59 35.57
N ASP B 41 -25.85 -1.06 36.81
CA ASP B 41 -25.88 -2.49 37.13
C ASP B 41 -24.81 -3.25 36.34
N ALA B 42 -23.62 -2.67 36.26
CA ALA B 42 -22.58 -3.20 35.39
C ALA B 42 -21.24 -3.04 36.06
N LYS B 43 -20.22 -3.63 35.45
CA LYS B 43 -18.84 -3.46 35.90
C LYS B 43 -18.00 -3.05 34.71
N LEU B 44 -16.79 -2.60 35.01
CA LEU B 44 -15.82 -2.33 33.97
C LEU B 44 -15.49 -3.61 33.21
N LEU B 45 -15.07 -3.43 31.96
CA LEU B 45 -14.81 -4.56 31.06
C LEU B 45 -13.85 -5.57 31.67
N LYS B 46 -14.24 -6.85 31.60
CA LYS B 46 -13.33 -7.96 31.92
C LYS B 46 -13.10 -8.82 30.68
N ILE B 47 -11.86 -8.92 30.24
CA ILE B 47 -11.55 -9.69 29.05
C ILE B 47 -11.14 -11.10 29.49
N ASN B 48 -12.00 -12.07 29.19
CA ASN B 48 -11.89 -13.44 29.66
C ASN B 48 -11.42 -14.40 28.59
N SER B 49 -11.18 -13.93 27.36
CA SER B 49 -10.83 -14.83 26.27
C SER B 49 -10.34 -14.00 25.09
N THR B 50 -9.64 -14.67 24.18
CA THR B 50 -9.26 -14.02 22.94
C THR B 50 -10.48 -13.60 22.14
N ALA B 51 -11.57 -14.36 22.22
CA ALA B 51 -12.81 -13.97 21.54
C ALA B 51 -13.36 -12.66 22.11
N ASP B 52 -13.26 -12.47 23.42
CA ASP B 52 -13.68 -11.22 24.04
C ASP B 52 -12.80 -10.08 23.56
N LEU B 53 -11.49 -10.32 23.55
CA LEU B 53 -10.55 -9.30 23.12
C LEU B 53 -10.79 -8.92 21.66
N ASP B 54 -11.10 -9.88 20.82
CA ASP B 54 -11.32 -9.58 19.39
C ASP B 54 -12.60 -8.75 19.20
N PHE B 55 -13.64 -9.06 19.96
CA PHE B 55 -14.91 -8.30 19.87
C PHE B 55 -14.68 -6.84 20.28
N ILE B 56 -14.04 -6.63 21.44
CA ILE B 56 -13.75 -5.24 21.89
C ILE B 56 -12.93 -4.52 20.80
N GLN B 57 -11.87 -5.17 20.32
CA GLN B 57 -10.97 -4.50 19.34
C GLN B 57 -11.78 -4.03 18.14
N GLN B 58 -12.71 -4.86 17.69
CA GLN B 58 -13.57 -4.47 16.55
C GLN B 58 -14.58 -3.38 16.99
N ALA B 59 -15.07 -3.45 18.22
CA ALA B 59 -16.03 -2.48 18.70
C ALA B 59 -15.41 -1.08 18.87
N ILE B 60 -14.12 -0.99 19.18
CA ILE B 60 -13.46 0.31 19.31
C ILE B 60 -12.67 0.69 18.05
N SER B 61 -12.76 -0.10 17.00
CA SER B 61 -11.88 0.14 15.85
C SER B 61 -12.15 1.49 15.19
N TYR B 62 -13.34 2.04 15.33
CA TYR B 62 -13.61 3.36 14.77
C TYR B 62 -13.33 4.48 15.75
N SER B 63 -12.68 4.20 16.89
CA SER B 63 -12.34 5.23 17.86
C SER B 63 -10.83 5.25 18.09
N SER B 64 -10.25 6.43 18.26
CA SER B 64 -8.85 6.51 18.67
C SER B 64 -8.71 6.73 20.18
N PHE B 65 -9.81 6.78 20.92
CA PHE B 65 -9.75 7.04 22.34
C PHE B 65 -9.21 5.84 23.11
N PRO B 66 -8.67 6.05 24.30
CA PRO B 66 -8.44 4.93 25.21
C PRO B 66 -9.67 4.66 26.06
N PHE B 67 -9.88 3.38 26.38
CA PHE B 67 -11.05 2.96 27.16
C PHE B 67 -10.59 2.15 28.36
N TRP B 68 -10.83 2.67 29.55
CA TRP B 68 -10.55 1.93 30.78
C TRP B 68 -11.16 0.54 30.73
N MET B 69 -10.40 -0.45 31.16
CA MET B 69 -10.94 -1.76 31.46
CA MET B 69 -10.93 -1.77 31.47
C MET B 69 -10.78 -2.05 32.95
N GLY B 70 -11.39 -3.14 33.41
CA GLY B 70 -11.38 -3.44 34.82
C GLY B 70 -10.13 -4.09 35.37
N LEU B 71 -8.97 -3.79 34.79
CA LEU B 71 -7.70 -4.38 35.17
C LEU B 71 -6.83 -3.34 35.86
N SER B 72 -6.19 -3.74 36.97
CA SER B 72 -5.46 -2.77 37.77
C SER B 72 -4.56 -3.49 38.77
N ARG B 73 -3.58 -2.73 39.29
CA ARG B 73 -2.64 -3.19 40.31
C ARG B 73 -2.14 -1.99 41.11
N ARG B 74 -1.56 -2.27 42.29
CA ARG B 74 -1.05 -1.18 43.16
C ARG B 74 0.36 -0.78 42.71
N ASN B 75 1.21 -1.78 42.40
CA ASN B 75 2.61 -1.54 41.94
C ASN B 75 3.08 -2.68 41.01
N PRO B 76 4.23 -2.55 40.30
CA PRO B 76 4.77 -3.64 39.47
C PRO B 76 5.09 -4.95 40.20
N SER B 77 4.92 -5.01 41.53
CA SER B 77 5.15 -6.30 42.24
C SER B 77 3.82 -6.98 42.57
N TYR B 78 2.72 -6.23 42.54
CA TYR B 78 1.37 -6.80 42.72
C TYR B 78 0.89 -7.20 41.33
N PRO B 79 0.19 -8.34 41.15
CA PRO B 79 -0.19 -8.80 39.81
C PRO B 79 -1.34 -7.98 39.25
N TRP B 80 -1.48 -8.03 37.93
CA TRP B 80 -2.66 -7.46 37.28
C TRP B 80 -3.86 -8.33 37.63
N LEU B 81 -4.86 -7.70 38.22
CA LEU B 81 -6.11 -8.41 38.53
C LEU B 81 -7.34 -7.67 38.03
N TRP B 82 -8.31 -8.40 37.54
CA TRP B 82 -9.62 -7.84 37.21
C TRP B 82 -10.35 -7.46 38.50
N GLU B 83 -11.49 -6.78 38.36
CA GLU B 83 -12.24 -6.36 39.52
C GLU B 83 -12.67 -7.54 40.38
N ASP B 84 -12.97 -8.69 39.76
CA ASP B 84 -13.46 -9.84 40.51
C ASP B 84 -12.34 -10.57 41.23
N GLY B 85 -11.11 -10.07 41.18
CA GLY B 85 -9.98 -10.70 41.83
C GLY B 85 -9.24 -11.71 40.97
N SER B 86 -9.80 -12.10 39.83
CA SER B 86 -9.16 -13.08 38.99
C SER B 86 -7.99 -12.47 38.21
N PRO B 87 -7.01 -13.28 37.81
CA PRO B 87 -5.81 -12.74 37.17
C PRO B 87 -5.95 -12.57 35.67
N LEU B 88 -5.06 -11.75 35.12
CA LEU B 88 -4.97 -11.58 33.69
C LEU B 88 -4.40 -12.85 33.08
N MET B 89 -5.06 -13.36 32.05
CA MET B 89 -4.51 -14.50 31.32
C MET B 89 -3.41 -13.99 30.39
N PRO B 90 -2.18 -14.49 30.51
CA PRO B 90 -1.06 -13.85 29.78
C PRO B 90 -1.24 -13.78 28.28
N HIS B 91 -1.79 -14.81 27.67
CA HIS B 91 -1.92 -14.88 26.21
C HIS B 91 -2.86 -13.83 25.63
N LEU B 92 -3.65 -13.15 26.47
CA LEU B 92 -4.63 -12.19 25.94
C LEU B 92 -3.93 -10.99 25.31
N PHE B 93 -2.99 -10.38 26.03
CA PHE B 93 -2.25 -9.23 25.58
C PHE B 93 -1.11 -8.98 26.54
N ARG B 94 -0.02 -8.40 26.05
CA ARG B 94 0.93 -7.81 26.96
C ARG B 94 0.48 -6.38 27.22
N VAL B 95 0.59 -5.95 28.47
CA VAL B 95 0.30 -4.57 28.81
C VAL B 95 1.53 -3.74 28.46
N ARG B 96 1.33 -2.68 27.70
CA ARG B 96 2.41 -1.79 27.30
C ARG B 96 2.39 -0.55 28.18
N GLY B 97 3.24 0.42 27.82
CA GLY B 97 3.24 1.67 28.58
C GLY B 97 3.93 1.52 29.92
N ALA B 98 3.32 2.13 30.93
CA ALA B 98 3.97 2.43 32.21
C ALA B 98 3.91 1.22 33.14
N VAL B 99 4.60 0.15 32.73
CA VAL B 99 4.57 -1.13 33.43
C VAL B 99 5.70 -1.24 34.44
N SER B 100 6.42 -0.14 34.65
CA SER B 100 7.51 -0.13 35.62
C SER B 100 7.49 1.12 36.50
N GLN B 101 6.56 2.03 36.30
CA GLN B 101 6.36 3.20 37.13
C GLN B 101 5.46 2.85 38.30
N THR B 102 5.34 3.79 39.23
CA THR B 102 4.57 3.57 40.46
C THR B 102 3.81 4.83 40.79
N TYR B 103 2.50 4.76 40.65
CA TYR B 103 1.67 5.97 40.85
C TYR B 103 0.97 5.87 42.20
N PRO B 104 0.63 7.00 42.84
CA PRO B 104 -0.08 6.96 44.11
C PRO B 104 -1.32 6.08 44.08
N SER B 105 -2.25 6.36 43.16
CA SER B 105 -3.51 5.63 43.13
C SER B 105 -3.43 4.30 42.38
N GLY B 106 -2.24 3.89 41.91
CA GLY B 106 -2.05 2.61 41.27
C GLY B 106 -1.91 2.72 39.76
N THR B 107 -1.71 1.55 39.15
CA THR B 107 -1.62 1.47 37.68
C THR B 107 -2.86 0.74 37.16
N CYS B 108 -3.51 1.29 36.14
CA CYS B 108 -4.73 0.75 35.57
C CYS B 108 -4.52 0.55 34.07
N ALA B 109 -5.37 -0.27 33.46
CA ALA B 109 -5.19 -0.60 32.06
C ALA B 109 -6.35 -0.07 31.23
N TYR B 110 -5.98 0.42 30.06
CA TYR B 110 -6.99 0.83 29.08
C TYR B 110 -6.65 0.19 27.75
N ILE B 111 -7.66 0.04 26.90
CA ILE B 111 -7.45 -0.53 25.57
C ILE B 111 -7.60 0.61 24.56
N GLN B 112 -6.66 0.67 23.63
CA GLN B 112 -6.68 1.72 22.57
C GLN B 112 -6.05 1.19 21.29
N ARG B 113 -6.74 1.36 20.17
CA ARG B 113 -6.15 0.96 18.87
C ARG B 113 -5.74 -0.50 18.89
N GLY B 114 -6.53 -1.33 19.57
CA GLY B 114 -6.26 -2.77 19.60
C GLY B 114 -5.27 -3.19 20.70
N ALA B 115 -4.44 -2.28 21.18
CA ALA B 115 -3.43 -2.61 22.20
C ALA B 115 -3.83 -2.15 23.61
N VAL B 116 -3.19 -2.70 24.63
CA VAL B 116 -3.53 -2.39 26.01
C VAL B 116 -2.35 -1.71 26.67
N TYR B 117 -2.64 -0.69 27.47
CA TYR B 117 -1.63 0.18 28.04
C TYR B 117 -1.88 0.36 29.53
N ALA B 118 -0.79 0.36 30.26
CA ALA B 118 -0.84 0.71 31.68
C ALA B 118 -0.77 2.22 31.75
N GLU B 119 -1.49 2.78 32.71
CA GLU B 119 -1.45 4.22 32.90
C GLU B 119 -1.93 4.52 34.31
N ASN B 120 -1.47 5.64 34.85
CA ASN B 120 -1.97 6.12 36.16
C ASN B 120 -3.48 6.17 36.16
N CYS B 121 -4.07 5.63 37.21
CA CYS B 121 -5.53 5.63 37.34
C CYS B 121 -6.07 7.03 37.58
N ILE B 122 -5.21 8.01 37.87
CA ILE B 122 -5.72 9.38 38.01
C ILE B 122 -6.13 9.96 36.67
N LEU B 123 -5.39 9.62 35.61
CA LEU B 123 -5.59 10.22 34.31
C LEU B 123 -6.97 9.84 33.76
N ALA B 124 -7.52 10.70 32.91
CA ALA B 124 -8.91 10.56 32.50
C ALA B 124 -9.02 9.76 31.21
N ALA B 125 -10.05 8.91 31.11
CA ALA B 125 -10.27 8.12 29.91
C ALA B 125 -11.73 7.70 29.84
N PHE B 126 -12.16 7.37 28.63
CA PHE B 126 -13.45 6.71 28.48
C PHE B 126 -13.33 5.30 29.04
N SER B 127 -14.45 4.58 29.02
CA SER B 127 -14.46 3.28 29.65
C SER B 127 -15.54 2.44 29.00
N ILE B 128 -15.40 1.13 29.16
CA ILE B 128 -16.37 0.18 28.63
C ILE B 128 -16.98 -0.57 29.79
N CYS B 129 -18.30 -0.58 29.86
CA CYS B 129 -19.03 -1.30 30.90
C CYS B 129 -19.63 -2.57 30.30
N GLN B 130 -19.86 -3.55 31.19
CA GLN B 130 -20.22 -4.91 30.84
C GLN B 130 -21.23 -5.43 31.85
N LYS B 131 -22.23 -6.15 31.38
CA LYS B 131 -23.14 -6.89 32.26
C LYS B 131 -23.69 -8.09 31.50
N LYS B 132 -24.33 -8.99 32.24
CA LYS B 132 -24.82 -10.24 31.66
C LYS B 132 -26.07 -9.97 30.82
N ALA B 133 -26.18 -10.67 29.69
CA ALA B 133 -27.31 -10.59 28.78
C ALA B 133 -28.39 -11.59 29.18
N ASN B 134 -29.62 -11.40 28.71
CA ASN B 134 -30.69 -12.31 29.15
C ASN B 134 -30.81 -13.37 28.07
N LEU B 135 -30.14 -14.49 28.29
CA LEU B 135 -30.11 -15.56 27.26
C LEU B 135 -31.39 -16.40 27.26
N ARG B 136 -31.36 -17.53 26.55
CA ARG B 136 -32.56 -18.37 26.40
C ARG B 136 -32.56 -19.55 27.38
N CYS C 5 18.95 35.85 -7.65
CA CYS C 5 19.09 35.55 -9.10
C CYS C 5 17.72 35.36 -9.76
N SER C 6 17.53 34.27 -10.51
CA SER C 6 16.28 34.00 -11.25
C SER C 6 15.67 32.68 -10.78
N ALA C 7 14.58 32.75 -10.05
CA ALA C 7 13.97 31.53 -9.51
C ALA C 7 13.34 30.69 -10.63
N PRO C 8 13.45 29.36 -10.57
CA PRO C 8 12.87 28.54 -11.64
C PRO C 8 11.36 28.70 -11.78
N CYS C 9 10.62 28.81 -10.67
CA CYS C 9 9.18 28.91 -10.76
C CYS C 9 8.65 30.03 -9.88
N PRO C 10 7.50 30.63 -10.25
CA PRO C 10 6.89 31.62 -9.37
C PRO C 10 6.50 30.95 -8.06
N GLN C 11 6.26 31.78 -7.06
CA GLN C 11 5.77 31.24 -5.81
C GLN C 11 4.44 30.53 -6.04
N ASP C 12 4.19 29.50 -5.23
CA ASP C 12 2.94 28.75 -5.15
C ASP C 12 2.76 27.78 -6.30
N TRP C 13 3.71 27.68 -7.23
CA TRP C 13 3.77 26.64 -8.22
C TRP C 13 4.67 25.50 -7.73
N ILE C 14 4.57 24.35 -8.38
CA ILE C 14 5.49 23.24 -8.13
C ILE C 14 6.53 23.20 -9.24
N TRP C 15 7.79 23.29 -8.88
CA TRP C 15 8.88 23.16 -9.83
C TRP C 15 9.22 21.69 -9.94
N HIS C 16 9.12 21.14 -11.14
CA HIS C 16 9.56 19.77 -11.39
C HIS C 16 10.23 19.70 -12.75
N GLY C 17 11.50 19.27 -12.75
CA GLY C 17 12.22 19.09 -14.00
C GLY C 17 12.38 20.42 -14.68
N GLU C 18 11.88 20.54 -15.91
CA GLU C 18 12.05 21.77 -16.64
C GLU C 18 10.77 22.61 -16.66
N ASN C 19 9.77 22.24 -15.85
CA ASN C 19 8.48 22.90 -15.88
C ASN C 19 8.03 23.29 -14.48
N CYS C 20 6.99 24.12 -14.44
CA CYS C 20 6.31 24.61 -13.26
C CYS C 20 4.84 24.24 -13.38
N TYR C 21 4.21 23.80 -12.29
CA TYR C 21 2.87 23.23 -12.33
C TYR C 21 1.96 23.92 -11.31
N LEU C 22 0.69 24.13 -11.68
CA LEU C 22 -0.27 24.84 -10.86
C LEU C 22 -1.63 24.16 -10.94
N PHE C 23 -2.29 23.96 -9.80
CA PHE C 23 -3.67 23.50 -9.81
C PHE C 23 -4.59 24.71 -10.05
N SER C 24 -5.61 24.51 -10.88
CA SER C 24 -6.61 25.57 -11.10
C SER C 24 -7.29 25.93 -9.78
N SER C 25 -7.70 27.19 -9.67
CA SER C 25 -8.44 27.58 -8.47
C SER C 25 -9.89 27.05 -8.48
N GLY C 26 -10.42 26.69 -9.65
CA GLY C 26 -11.80 26.27 -9.72
C GLY C 26 -12.07 25.20 -10.76
N SER C 27 -13.34 24.91 -10.98
CA SER C 27 -13.76 23.75 -11.76
C SER C 27 -14.51 24.24 -12.99
N PHE C 28 -14.04 23.83 -14.16
CA PHE C 28 -14.50 24.44 -15.41
C PHE C 28 -14.45 23.39 -16.49
N ASN C 29 -15.25 23.59 -17.54
CA ASN C 29 -15.13 22.74 -18.72
C ASN C 29 -13.73 22.86 -19.32
N TRP C 30 -13.42 21.98 -20.27
CA TRP C 30 -12.05 21.88 -20.74
C TRP C 30 -11.64 23.12 -21.49
N GLU C 31 -12.55 23.70 -22.25
CA GLU C 31 -12.22 24.90 -23.06
C GLU C 31 -11.87 26.08 -22.14
N LYS C 32 -12.68 26.30 -21.12
CA LYS C 32 -12.40 27.42 -20.19
C LYS C 32 -11.14 27.09 -19.40
N SER C 33 -10.90 25.81 -19.13
CA SER C 33 -9.65 25.48 -18.45
C SER C 33 -8.46 25.78 -19.34
N GLN C 34 -8.60 25.53 -20.64
CA GLN C 34 -7.56 25.87 -21.60
C GLN C 34 -7.33 27.38 -21.70
N GLU C 35 -8.39 28.17 -21.74
CA GLU C 35 -8.20 29.63 -21.79
C GLU C 35 -7.50 30.11 -20.51
N LYS C 36 -7.86 29.56 -19.36
CA LYS C 36 -7.27 30.04 -18.12
C LYS C 36 -5.76 29.81 -18.11
N CYS C 37 -5.31 28.59 -18.45
CA CYS C 37 -3.87 28.33 -18.48
C CYS C 37 -3.16 29.25 -19.48
N LEU C 38 -3.75 29.44 -20.66
CA LEU C 38 -3.09 30.29 -21.65
C LEU C 38 -2.98 31.71 -21.11
N SER C 39 -4.03 32.20 -20.42
CA SER C 39 -4.00 33.55 -19.89
C SER C 39 -3.00 33.69 -18.76
N LEU C 40 -2.54 32.57 -18.18
CA LEU C 40 -1.46 32.60 -17.21
C LEU C 40 -0.11 32.33 -17.84
N ASP C 41 0.01 32.43 -19.17
CA ASP C 41 1.27 32.15 -19.91
C ASP C 41 1.69 30.68 -19.74
N ALA C 42 0.71 29.80 -19.67
CA ALA C 42 0.96 28.39 -19.47
C ALA C 42 0.04 27.62 -20.40
N LYS C 43 0.05 26.33 -20.24
CA LYS C 43 -0.83 25.45 -21.03
C LYS C 43 -1.34 24.35 -20.12
N LEU C 44 -2.30 23.58 -20.58
CA LEU C 44 -2.76 22.46 -19.79
C LEU C 44 -1.70 21.37 -19.74
N LEU C 45 -1.72 20.61 -18.66
CA LEU C 45 -0.73 19.59 -18.38
C LEU C 45 -0.46 18.69 -19.59
N LYS C 46 0.82 18.51 -19.90
CA LYS C 46 1.25 17.58 -20.94
C LYS C 46 2.18 16.55 -20.30
N ILE C 47 1.81 15.28 -20.41
CA ILE C 47 2.56 14.19 -19.80
C ILE C 47 3.42 13.54 -20.90
N ASN C 48 4.74 13.76 -20.83
CA ASN C 48 5.71 13.26 -21.81
C ASN C 48 6.40 11.97 -21.37
N SER C 49 6.17 11.50 -20.15
CA SER C 49 6.94 10.35 -19.69
C SER C 49 6.26 9.76 -18.47
N THR C 50 6.62 8.51 -18.15
CA THR C 50 6.08 7.91 -16.95
C THR C 50 6.58 8.64 -15.72
N ALA C 51 7.79 9.19 -15.78
CA ALA C 51 8.25 10.02 -14.67
C ALA C 51 7.34 11.24 -14.48
N ASP C 52 6.92 11.89 -15.57
CA ASP C 52 5.89 12.94 -15.52
C ASP C 52 4.62 12.40 -14.88
N LEU C 53 4.19 11.22 -15.29
CA LEU C 53 2.98 10.64 -14.74
C LEU C 53 3.11 10.37 -13.25
N ASP C 54 4.25 9.86 -12.82
CA ASP C 54 4.46 9.54 -11.40
C ASP C 54 4.44 10.82 -10.58
N PHE C 55 5.12 11.84 -11.11
CA PHE C 55 5.16 13.10 -10.39
C PHE C 55 3.75 13.67 -10.24
N ILE C 56 2.97 13.64 -11.31
CA ILE C 56 1.63 14.19 -11.23
C ILE C 56 0.78 13.37 -10.27
N GLN C 57 0.92 12.05 -10.31
CA GLN C 57 0.13 11.18 -9.42
C GLN C 57 0.47 11.52 -7.97
N GLN C 58 1.75 11.68 -7.67
CA GLN C 58 2.13 12.05 -6.31
C GLN C 58 1.58 13.44 -5.95
N ALA C 59 1.65 14.39 -6.89
CA ALA C 59 1.22 15.75 -6.60
C ALA C 59 -0.26 15.84 -6.27
N ILE C 60 -1.10 15.02 -6.93
CA ILE C 60 -2.54 15.01 -6.67
C ILE C 60 -2.94 13.91 -5.70
N SER C 61 -1.99 13.23 -5.06
CA SER C 61 -2.34 12.09 -4.23
C SER C 61 -3.22 12.47 -3.05
N TYR C 62 -3.20 13.73 -2.59
CA TYR C 62 -4.09 14.08 -1.50
C TYR C 62 -5.40 14.64 -1.98
N SER C 63 -5.71 14.53 -3.26
CA SER C 63 -6.97 15.04 -3.75
C SER C 63 -7.73 13.91 -4.40
N SER C 64 -9.04 13.91 -4.28
CA SER C 64 -9.84 12.96 -5.04
C SER C 64 -10.45 13.59 -6.29
N PHE C 65 -10.13 14.86 -6.57
CA PHE C 65 -10.70 15.55 -7.73
C PHE C 65 -10.15 15.02 -9.04
N PRO C 66 -10.93 15.08 -10.11
CA PRO C 66 -10.35 14.98 -11.47
C PRO C 66 -9.69 16.29 -11.87
N PHE C 67 -8.57 16.18 -12.61
CA PHE C 67 -7.81 17.31 -13.12
C PHE C 67 -7.68 17.18 -14.64
N TRP C 68 -8.29 18.09 -15.38
CA TRP C 68 -8.10 18.11 -16.83
C TRP C 68 -6.61 18.21 -17.17
N MET C 69 -6.20 17.46 -18.18
CA MET C 69 -4.90 17.62 -18.81
C MET C 69 -5.11 18.07 -20.25
N GLY C 70 -4.01 18.37 -20.95
CA GLY C 70 -4.15 18.94 -22.28
C GLY C 70 -4.40 17.98 -23.42
N LEU C 71 -4.99 16.83 -23.13
CA LEU C 71 -5.18 15.77 -24.11
C LEU C 71 -6.64 15.74 -24.56
N SER C 72 -6.85 15.75 -25.88
CA SER C 72 -8.22 15.76 -26.38
C SER C 72 -8.25 15.22 -27.80
N ARG C 73 -9.46 14.90 -28.26
CA ARG C 73 -9.71 14.43 -29.61
C ARG C 73 -11.17 14.73 -29.92
N ARG C 74 -11.49 14.89 -31.21
CA ARG C 74 -12.86 15.31 -31.46
C ARG C 74 -13.85 14.16 -31.36
N ASN C 75 -13.44 12.96 -31.76
CA ASN C 75 -14.22 11.74 -31.57
C ASN C 75 -13.25 10.57 -31.70
N PRO C 76 -13.69 9.31 -31.52
CA PRO C 76 -12.72 8.20 -31.53
C PRO C 76 -12.02 7.95 -32.86
N SER C 77 -12.44 8.61 -33.95
CA SER C 77 -11.80 8.37 -35.24
C SER C 77 -10.58 9.24 -35.50
N TYR C 78 -10.27 10.20 -34.58
CA TYR C 78 -9.14 11.12 -34.50
C TYR C 78 -8.15 10.65 -33.43
N PRO C 79 -6.85 10.91 -33.58
CA PRO C 79 -5.89 10.47 -32.56
C PRO C 79 -5.93 11.37 -31.34
N TRP C 80 -5.41 10.84 -30.23
CA TRP C 80 -5.30 11.66 -29.01
C TRP C 80 -4.14 12.62 -29.21
N LEU C 81 -4.42 13.90 -29.13
CA LEU C 81 -3.30 14.87 -29.25
C LEU C 81 -3.25 15.84 -28.09
N TRP C 82 -2.04 16.26 -27.75
CA TRP C 82 -1.88 17.34 -26.80
C TRP C 82 -2.27 18.66 -27.46
N GLU C 83 -2.39 19.72 -26.66
CA GLU C 83 -2.80 21.02 -27.18
C GLU C 83 -1.93 21.49 -28.34
N ASP C 84 -0.62 21.26 -28.27
CA ASP C 84 0.29 21.69 -29.32
C ASP C 84 0.31 20.76 -30.53
N GLY C 85 -0.64 19.84 -30.63
CA GLY C 85 -0.72 18.93 -31.76
C GLY C 85 0.19 17.73 -31.71
N SER C 86 1.11 17.64 -30.76
CA SER C 86 1.99 16.49 -30.69
C SER C 86 1.21 15.25 -30.24
N PRO C 87 1.69 14.06 -30.60
CA PRO C 87 0.94 12.85 -30.28
C PRO C 87 1.06 12.41 -28.83
N LEU C 88 0.03 11.69 -28.38
CA LEU C 88 0.12 10.91 -27.15
C LEU C 88 1.12 9.76 -27.35
N MET C 89 2.14 9.70 -26.50
CA MET C 89 3.03 8.56 -26.51
C MET C 89 2.22 7.37 -26.02
N PRO C 90 1.91 6.41 -26.88
CA PRO C 90 0.82 5.47 -26.59
C PRO C 90 1.01 4.62 -25.34
N HIS C 91 2.24 4.26 -24.99
CA HIS C 91 2.47 3.32 -23.90
C HIS C 91 2.56 4.00 -22.55
N LEU C 92 2.35 5.30 -22.44
CA LEU C 92 2.56 5.95 -21.12
C LEU C 92 1.38 5.67 -20.18
N PHE C 93 0.16 5.60 -20.71
CA PHE C 93 -1.06 5.33 -19.91
C PHE C 93 -2.22 4.91 -20.82
N ARG C 94 -3.17 4.21 -20.26
CA ARG C 94 -4.39 3.89 -21.04
C ARG C 94 -5.46 4.91 -20.66
N VAL C 95 -6.12 5.49 -21.64
CA VAL C 95 -7.23 6.41 -21.37
C VAL C 95 -8.42 5.51 -21.11
N ARG C 96 -8.92 5.57 -19.90
CA ARG C 96 -10.10 4.77 -19.56
C ARG C 96 -11.35 5.62 -19.82
N GLY C 97 -12.47 5.15 -19.34
CA GLY C 97 -13.68 5.96 -19.39
C GLY C 97 -14.40 5.95 -20.69
N ALA C 98 -14.97 7.10 -21.04
CA ALA C 98 -15.80 7.23 -22.24
C ALA C 98 -14.95 7.26 -23.52
N VAL C 99 -14.42 6.11 -23.90
CA VAL C 99 -13.51 6.08 -25.08
C VAL C 99 -14.26 5.64 -26.35
N SER C 100 -15.54 5.29 -26.24
CA SER C 100 -16.29 4.93 -27.45
C SER C 100 -17.23 6.04 -27.93
N GLN C 101 -17.51 7.04 -27.09
CA GLN C 101 -18.55 8.02 -27.32
C GLN C 101 -18.04 9.19 -28.17
N THR C 102 -18.98 9.93 -28.74
CA THR C 102 -18.71 11.17 -29.47
C THR C 102 -19.56 12.28 -28.86
N TYR C 103 -18.91 13.39 -28.53
CA TYR C 103 -19.56 14.50 -27.85
C TYR C 103 -19.46 15.75 -28.71
N PRO C 104 -20.43 16.67 -28.60
CA PRO C 104 -20.40 17.88 -29.43
C PRO C 104 -19.15 18.74 -29.25
N SER C 105 -18.60 18.78 -28.04
CA SER C 105 -17.39 19.55 -27.77
C SER C 105 -16.11 18.72 -27.87
N GLY C 106 -16.25 17.42 -28.08
CA GLY C 106 -15.11 16.53 -28.17
C GLY C 106 -14.89 15.77 -26.88
N THR C 107 -13.89 14.88 -26.94
CA THR C 107 -13.46 14.09 -25.80
C THR C 107 -12.13 14.63 -25.29
N CYS C 108 -11.98 14.63 -23.97
CA CYS C 108 -10.80 15.16 -23.31
C CYS C 108 -10.45 14.23 -22.18
N ALA C 109 -9.21 14.30 -21.72
CA ALA C 109 -8.74 13.41 -20.67
C ALA C 109 -8.48 14.18 -19.38
N TYR C 110 -8.83 13.56 -18.26
CA TYR C 110 -8.40 14.07 -16.97
C TYR C 110 -7.75 12.95 -16.19
N ILE C 111 -6.97 13.35 -15.19
CA ILE C 111 -6.35 12.42 -14.29
C ILE C 111 -7.09 12.47 -12.96
N GLN C 112 -7.29 11.30 -12.38
CA GLN C 112 -8.03 11.14 -11.12
C GLN C 112 -7.44 9.94 -10.36
N ARG C 113 -6.95 10.14 -9.13
CA ARG C 113 -6.44 9.01 -8.32
C ARG C 113 -5.46 8.20 -9.15
N GLY C 114 -4.58 8.88 -9.89
CA GLY C 114 -3.51 8.17 -10.62
C GLY C 114 -3.88 7.67 -12.01
N ALA C 115 -5.14 7.59 -12.33
CA ALA C 115 -5.55 7.03 -13.62
C ALA C 115 -6.06 8.13 -14.54
N VAL C 116 -6.10 7.84 -15.82
CA VAL C 116 -6.48 8.82 -16.83
C VAL C 116 -7.79 8.37 -17.46
N TYR C 117 -8.75 9.29 -17.57
CA TYR C 117 -10.09 8.96 -18.06
C TYR C 117 -10.49 9.89 -19.20
N ALA C 118 -11.14 9.33 -20.20
CA ALA C 118 -11.80 10.11 -21.23
C ALA C 118 -13.16 10.59 -20.72
N GLU C 119 -13.48 11.82 -21.08
CA GLU C 119 -14.78 12.39 -20.67
C GLU C 119 -15.22 13.50 -21.60
N ASN C 120 -16.52 13.74 -21.62
CA ASN C 120 -17.07 14.87 -22.34
C ASN C 120 -16.37 16.17 -21.97
N CYS C 121 -15.81 16.87 -22.97
CA CYS C 121 -15.05 18.08 -22.68
C CYS C 121 -15.91 19.15 -22.02
N ILE C 122 -17.23 19.06 -22.11
CA ILE C 122 -18.11 20.16 -21.57
C ILE C 122 -18.28 20.01 -20.06
N LEU C 123 -17.84 18.90 -19.51
CA LEU C 123 -17.93 18.63 -18.07
C LEU C 123 -16.97 19.52 -17.27
N ALA C 124 -17.37 19.85 -16.06
CA ALA C 124 -16.54 20.71 -15.22
C ALA C 124 -15.59 19.89 -14.36
N ALA C 125 -14.32 20.28 -14.37
CA ALA C 125 -13.32 19.67 -13.52
C ALA C 125 -12.25 20.70 -13.18
N PHE C 126 -11.43 20.38 -12.18
CA PHE C 126 -10.23 21.16 -11.95
C PHE C 126 -9.24 20.85 -13.06
N SER C 127 -8.09 21.51 -13.04
CA SER C 127 -7.12 21.28 -14.09
C SER C 127 -5.75 21.59 -13.54
N ILE C 128 -4.73 21.19 -14.29
CA ILE C 128 -3.34 21.46 -13.95
C ILE C 128 -2.74 22.23 -15.11
N CYS C 129 -2.08 23.36 -14.80
CA CYS C 129 -1.42 24.19 -15.79
C CYS C 129 0.08 24.03 -15.62
N GLN C 130 0.80 24.41 -16.66
CA GLN C 130 2.20 24.05 -16.78
C GLN C 130 2.88 25.12 -17.64
N LYS C 131 4.04 25.61 -17.22
CA LYS C 131 4.86 26.45 -18.06
C LYS C 131 6.32 26.14 -17.81
N LYS C 132 7.15 26.64 -18.72
CA LYS C 132 8.59 26.33 -18.73
C LYS C 132 9.22 26.96 -17.48
N ALA C 133 10.12 26.20 -16.84
CA ALA C 133 10.86 26.76 -15.75
C ALA C 133 12.00 27.61 -16.29
N ASN C 134 12.36 28.62 -15.50
CA ASN C 134 13.48 29.50 -15.87
C ASN C 134 14.77 28.87 -15.33
N LEU C 135 15.49 28.19 -16.19
CA LEU C 135 16.73 27.51 -15.77
C LEU C 135 17.96 28.29 -16.28
N ARG C 136 19.16 27.80 -16.00
CA ARG C 136 20.43 28.50 -16.37
C ARG C 136 20.18 29.73 -17.27
N CYS D 5 21.24 31.46 -10.22
CA CYS D 5 22.17 30.80 -9.28
C CYS D 5 21.38 29.95 -8.31
N SER D 6 21.17 30.43 -7.07
CA SER D 6 20.55 29.56 -6.07
C SER D 6 19.03 29.54 -6.20
N ALA D 7 18.46 28.33 -6.34
CA ALA D 7 16.99 28.26 -6.42
C ALA D 7 16.39 28.36 -5.02
N PRO D 8 15.28 29.07 -4.87
CA PRO D 8 14.70 29.24 -3.52
C PRO D 8 14.30 27.92 -2.85
N CYS D 9 13.80 26.96 -3.61
CA CYS D 9 13.25 25.73 -3.08
C CYS D 9 13.60 24.56 -3.99
N PRO D 10 13.77 23.37 -3.42
CA PRO D 10 14.04 22.18 -4.20
C PRO D 10 12.88 21.85 -5.14
N GLN D 11 13.19 21.05 -6.15
CA GLN D 11 12.14 20.52 -7.00
C GLN D 11 11.15 19.72 -6.16
N ASP D 12 9.88 19.73 -6.60
CA ASP D 12 8.73 19.06 -6.00
C ASP D 12 8.19 19.78 -4.76
N TRP D 13 8.89 20.77 -4.22
CA TRP D 13 8.38 21.59 -3.14
C TRP D 13 7.61 22.77 -3.72
N ILE D 14 6.93 23.50 -2.84
CA ILE D 14 6.19 24.73 -3.24
C ILE D 14 6.82 25.91 -2.48
N TRP D 15 7.29 26.89 -3.22
CA TRP D 15 7.89 28.08 -2.62
C TRP D 15 6.78 29.09 -2.30
N HIS D 16 6.66 29.46 -1.02
CA HIS D 16 5.72 30.51 -0.64
C HIS D 16 6.32 31.36 0.48
N GLY D 17 6.39 32.66 0.22
CA GLY D 17 6.96 33.57 1.20
C GLY D 17 8.43 33.28 1.47
N GLU D 18 8.76 33.20 2.74
CA GLU D 18 10.13 32.91 3.14
C GLU D 18 10.41 31.42 3.18
N ASN D 19 9.43 30.57 2.88
CA ASN D 19 9.51 29.15 3.14
C ASN D 19 9.30 28.29 1.89
N CYS D 20 9.65 27.04 2.07
CA CYS D 20 9.43 25.99 1.07
C CYS D 20 8.56 24.94 1.76
N TYR D 21 7.60 24.37 1.06
CA TYR D 21 6.66 23.42 1.63
C TYR D 21 6.61 22.16 0.78
N LEU D 22 6.54 21.01 1.46
CA LEU D 22 6.46 19.73 0.76
C LEU D 22 5.24 18.98 1.28
N PHE D 23 4.33 18.69 0.38
CA PHE D 23 3.10 17.97 0.76
C PHE D 23 3.37 16.47 0.58
N SER D 24 3.10 15.68 1.60
CA SER D 24 3.37 14.25 1.48
C SER D 24 2.48 13.67 0.40
N SER D 25 2.89 12.52 -0.12
CA SER D 25 2.09 11.76 -1.07
C SER D 25 1.46 10.54 -0.42
N GLY D 26 1.54 10.44 0.89
CA GLY D 26 0.86 9.38 1.62
C GLY D 26 0.69 9.75 3.07
N SER D 27 -0.04 8.89 3.77
CA SER D 27 -0.36 9.10 5.17
C SER D 27 0.53 8.24 6.04
N PHE D 28 1.02 8.87 7.11
CA PHE D 28 1.94 8.23 8.07
C PHE D 28 1.65 8.83 9.45
N ASN D 29 2.06 8.12 10.49
CA ASN D 29 1.84 8.61 11.88
C ASN D 29 2.67 9.87 12.14
N TRP D 30 2.38 10.52 13.24
CA TRP D 30 3.08 11.78 13.46
C TRP D 30 4.57 11.56 13.59
N GLU D 31 5.02 10.49 14.22
CA GLU D 31 6.48 10.31 14.43
C GLU D 31 7.17 10.09 13.07
N LYS D 32 6.59 9.24 12.24
CA LYS D 32 7.18 8.96 10.91
C LYS D 32 7.13 10.25 10.08
N SER D 33 6.02 10.98 10.16
CA SER D 33 5.96 12.27 9.46
C SER D 33 7.04 13.21 9.94
N GLN D 34 7.26 13.27 11.25
CA GLN D 34 8.34 14.10 11.77
C GLN D 34 9.69 13.68 11.19
N GLU D 35 9.96 12.37 11.18
CA GLU D 35 11.25 11.87 10.71
C GLU D 35 11.46 12.17 9.22
N LYS D 36 10.42 12.08 8.41
CA LYS D 36 10.52 12.46 6.98
C LYS D 36 11.02 13.89 6.89
N CYS D 37 10.38 14.79 7.61
CA CYS D 37 10.79 16.19 7.48
C CYS D 37 12.22 16.38 7.97
N LEU D 38 12.59 15.74 9.07
CA LEU D 38 13.95 15.86 9.58
C LEU D 38 14.97 15.42 8.54
N SER D 39 14.71 14.28 7.87
CA SER D 39 15.61 13.80 6.84
C SER D 39 15.77 14.76 5.66
N LEU D 40 14.86 15.71 5.48
CA LEU D 40 14.94 16.70 4.39
C LEU D 40 15.36 18.07 4.94
N ASP D 41 16.02 18.07 6.10
CA ASP D 41 16.48 19.32 6.75
C ASP D 41 15.29 20.27 6.87
N ALA D 42 14.14 19.72 7.25
CA ALA D 42 12.94 20.52 7.41
C ALA D 42 12.28 20.12 8.73
N LYS D 43 11.14 20.72 8.98
CA LYS D 43 10.34 20.38 10.16
C LYS D 43 8.89 20.27 9.70
N LEU D 44 8.04 19.72 10.54
CA LEU D 44 6.59 19.63 10.18
C LEU D 44 5.97 21.04 10.10
N LEU D 45 4.82 21.16 9.44
CA LEU D 45 4.17 22.48 9.21
C LEU D 45 4.16 23.35 10.48
N LYS D 46 4.75 24.52 10.44
CA LYS D 46 4.64 25.50 11.56
C LYS D 46 3.96 26.78 11.06
N ILE D 47 2.76 27.05 11.55
CA ILE D 47 2.01 28.21 11.10
C ILE D 47 2.36 29.39 12.00
N ASN D 48 3.01 30.41 11.42
CA ASN D 48 3.51 31.58 12.13
C ASN D 48 2.63 32.81 11.95
N SER D 49 1.68 32.80 11.03
CA SER D 49 0.91 33.99 10.71
C SER D 49 -0.39 33.57 10.04
N THR D 50 -1.34 34.51 10.00
CA THR D 50 -2.59 34.23 9.31
C THR D 50 -2.37 34.05 7.82
N ALA D 51 -1.42 34.80 7.24
CA ALA D 51 -1.05 34.58 5.85
C ALA D 51 -0.62 33.13 5.61
N ASP D 52 0.22 32.58 6.51
CA ASP D 52 0.62 31.18 6.41
C ASP D 52 -0.58 30.25 6.44
N LEU D 53 -1.52 30.49 7.37
CA LEU D 53 -2.72 29.65 7.44
C LEU D 53 -3.54 29.74 6.16
N ASP D 54 -3.72 30.95 5.62
CA ASP D 54 -4.50 31.11 4.39
C ASP D 54 -3.85 30.35 3.23
N PHE D 55 -2.53 30.42 3.13
CA PHE D 55 -1.80 29.69 2.09
C PHE D 55 -2.05 28.19 2.20
N ILE D 56 -1.87 27.64 3.41
CA ILE D 56 -2.07 26.21 3.64
C ILE D 56 -3.50 25.81 3.36
N GLN D 57 -4.44 26.61 3.85
CA GLN D 57 -5.85 26.32 3.60
C GLN D 57 -6.14 26.25 2.11
N GLN D 58 -5.57 27.15 1.32
CA GLN D 58 -5.81 27.07 -0.12
C GLN D 58 -5.14 25.85 -0.73
N ALA D 59 -3.91 25.56 -0.32
CA ALA D 59 -3.21 24.40 -0.86
C ALA D 59 -3.94 23.10 -0.55
N ILE D 60 -4.50 22.98 0.64
CA ILE D 60 -5.20 21.73 1.03
C ILE D 60 -6.71 21.79 0.68
N SER D 61 -7.17 22.88 0.09
CA SER D 61 -8.59 22.95 -0.27
C SER D 61 -8.96 21.91 -1.31
N TYR D 62 -7.96 21.34 -1.99
CA TYR D 62 -8.22 20.24 -2.91
C TYR D 62 -8.47 18.93 -2.17
N SER D 63 -8.41 18.93 -0.85
CA SER D 63 -8.38 17.69 -0.09
C SER D 63 -9.40 17.67 1.04
N SER D 64 -10.01 16.52 1.25
CA SER D 64 -10.76 16.26 2.49
C SER D 64 -9.93 15.53 3.54
N PHE D 65 -8.64 15.27 3.27
CA PHE D 65 -7.85 14.41 4.15
C PHE D 65 -7.26 15.21 5.29
N PRO D 66 -6.79 14.54 6.35
CA PRO D 66 -6.16 15.25 7.45
C PRO D 66 -4.68 15.44 7.19
N PHE D 67 -4.14 16.57 7.64
CA PHE D 67 -2.73 16.87 7.44
C PHE D 67 -2.10 17.20 8.78
N TRP D 68 -1.10 16.42 9.15
CA TRP D 68 -0.32 16.68 10.37
C TRP D 68 0.46 17.99 10.27
N MET D 69 0.45 18.74 11.35
CA MET D 69 1.29 19.91 11.54
C MET D 69 2.21 19.71 12.76
N GLY D 70 3.14 20.62 12.98
CA GLY D 70 4.17 20.38 13.99
C GLY D 70 3.85 20.75 15.42
N LEU D 71 2.55 20.82 15.74
CA LEU D 71 2.04 21.20 17.06
C LEU D 71 1.61 19.97 17.84
N SER D 72 2.08 19.85 19.08
CA SER D 72 1.73 18.69 19.87
C SER D 72 1.85 19.00 21.35
N ARG D 73 1.35 18.09 22.17
CA ARG D 73 1.62 18.09 23.60
C ARG D 73 1.27 16.72 24.15
N ARG D 74 1.71 16.45 25.37
CA ARG D 74 1.36 15.21 26.04
C ARG D 74 0.39 15.40 27.18
N ASN D 75 0.34 16.58 27.79
CA ASN D 75 -0.46 16.88 28.97
C ASN D 75 -1.38 18.04 28.65
N PRO D 76 -2.71 17.87 28.78
CA PRO D 76 -3.64 18.90 28.29
C PRO D 76 -3.69 20.15 29.15
N SER D 77 -3.07 20.13 30.33
CA SER D 77 -2.92 21.37 31.10
C SER D 77 -1.72 22.19 30.65
N TYR D 78 -0.84 21.62 29.86
CA TYR D 78 0.37 22.28 29.40
C TYR D 78 0.17 22.80 27.99
N PRO D 79 0.95 23.79 27.57
CA PRO D 79 0.69 24.41 26.28
C PRO D 79 0.95 23.46 25.11
N TRP D 80 0.18 23.68 24.03
CA TRP D 80 0.58 23.21 22.72
C TRP D 80 1.92 23.82 22.37
N LEU D 81 2.79 23.04 21.76
CA LEU D 81 4.09 23.56 21.35
C LEU D 81 4.47 23.02 19.97
N TRP D 82 5.06 23.88 19.14
CA TRP D 82 5.70 23.43 17.91
C TRP D 82 6.96 22.64 18.26
N GLU D 83 7.43 21.82 17.31
CA GLU D 83 8.61 21.00 17.58
C GLU D 83 9.80 21.84 18.02
N ASP D 84 9.92 23.09 17.58
CA ASP D 84 11.06 23.89 17.99
C ASP D 84 10.92 24.42 19.43
N GLY D 85 9.83 24.08 20.10
CA GLY D 85 9.67 24.51 21.47
C GLY D 85 9.07 25.88 21.63
N SER D 86 8.49 26.44 20.57
CA SER D 86 7.77 27.69 20.68
C SER D 86 6.28 27.44 20.82
N PRO D 87 5.52 28.38 21.37
CA PRO D 87 4.10 28.14 21.61
C PRO D 87 3.28 28.52 20.38
N LEU D 88 2.00 28.19 20.46
CA LEU D 88 1.04 28.59 19.42
C LEU D 88 0.73 30.06 19.63
N MET D 89 1.06 30.86 18.64
CA MET D 89 0.79 32.29 18.72
C MET D 89 -0.72 32.47 18.77
N PRO D 90 -1.19 33.36 19.65
CA PRO D 90 -2.60 33.62 19.75
C PRO D 90 -3.17 34.18 18.46
N HIS D 91 -4.45 33.97 18.20
CA HIS D 91 -5.14 34.64 17.06
C HIS D 91 -4.86 34.00 15.71
N LEU D 92 -4.19 32.87 15.70
CA LEU D 92 -4.00 32.13 14.45
C LEU D 92 -5.16 31.16 14.23
N PHE D 93 -5.39 30.26 15.18
CA PHE D 93 -6.52 29.34 15.06
C PHE D 93 -6.80 28.71 16.41
N ARG D 94 -7.97 28.09 16.50
CA ARG D 94 -8.33 27.33 17.70
C ARG D 94 -8.17 25.83 17.40
N VAL D 95 -7.56 25.08 18.30
CA VAL D 95 -7.50 23.62 18.12
C VAL D 95 -8.83 23.07 18.63
N ARG D 96 -9.57 22.45 17.73
CA ARG D 96 -10.88 21.87 18.09
C ARG D 96 -10.80 20.37 18.40
N GLY D 97 -11.94 19.79 18.70
CA GLY D 97 -11.97 18.37 18.98
C GLY D 97 -11.71 18.10 20.45
N ALA D 98 -11.26 16.87 20.74
CA ALA D 98 -11.00 16.41 22.11
C ALA D 98 -9.61 16.85 22.54
N VAL D 99 -9.48 18.15 22.85
CA VAL D 99 -8.19 18.72 23.20
C VAL D 99 -7.69 18.30 24.56
N SER D 100 -8.54 17.73 25.39
CA SER D 100 -8.20 17.34 26.76
C SER D 100 -7.83 15.87 26.87
N GLN D 101 -7.90 15.13 25.79
CA GLN D 101 -7.61 13.71 25.82
C GLN D 101 -6.11 13.51 25.78
N THR D 102 -5.63 12.59 26.62
CA THR D 102 -4.27 12.11 26.51
C THR D 102 -4.25 10.74 25.85
N TYR D 103 -3.13 10.43 25.23
CA TYR D 103 -2.90 9.20 24.47
C TYR D 103 -1.48 8.75 24.74
N PRO D 104 -1.21 7.44 24.67
CA PRO D 104 0.18 6.97 24.84
C PRO D 104 1.21 7.71 24.00
N SER D 105 0.90 7.98 22.72
CA SER D 105 1.82 8.66 21.81
C SER D 105 1.73 10.17 21.88
N GLY D 106 0.93 10.72 22.79
CA GLY D 106 0.69 12.15 22.83
C GLY D 106 -0.42 12.59 21.91
N THR D 107 -0.67 13.89 21.96
CA THR D 107 -1.73 14.55 21.21
C THR D 107 -1.09 15.49 20.20
N CYS D 108 -1.62 15.48 18.99
CA CYS D 108 -1.02 16.16 17.85
C CYS D 108 -2.10 16.92 17.11
N ALA D 109 -1.72 18.04 16.51
CA ALA D 109 -2.67 18.86 15.76
C ALA D 109 -2.60 18.51 14.27
N TYR D 110 -3.79 18.52 13.71
CA TYR D 110 -3.90 18.32 12.26
C TYR D 110 -4.91 19.32 11.71
N ILE D 111 -4.79 19.59 10.43
CA ILE D 111 -5.72 20.45 9.72
C ILE D 111 -6.47 19.59 8.70
N GLN D 112 -7.78 19.81 8.62
CA GLN D 112 -8.66 19.07 7.72
C GLN D 112 -9.81 19.98 7.35
N ARG D 113 -10.04 20.12 6.06
CA ARG D 113 -11.05 21.05 5.53
C ARG D 113 -10.90 22.45 6.13
N GLY D 114 -9.65 22.90 6.31
CA GLY D 114 -9.38 24.25 6.79
C GLY D 114 -9.45 24.48 8.29
N ALA D 115 -9.83 23.48 9.07
CA ALA D 115 -9.98 23.64 10.52
C ALA D 115 -8.97 22.76 11.25
N VAL D 116 -8.50 23.21 12.40
CA VAL D 116 -7.46 22.48 13.12
C VAL D 116 -8.06 21.69 14.27
N TYR D 117 -7.59 20.46 14.44
CA TYR D 117 -8.12 19.52 15.41
C TYR D 117 -6.99 18.82 16.16
N ALA D 118 -7.31 18.33 17.36
CA ALA D 118 -6.45 17.47 18.16
C ALA D 118 -6.73 15.98 17.89
N GLU D 119 -5.67 15.20 17.80
CA GLU D 119 -5.88 13.75 17.68
C GLU D 119 -4.71 12.91 18.16
N ASN D 120 -5.01 11.66 18.42
CA ASN D 120 -4.01 10.65 18.72
C ASN D 120 -2.87 10.65 17.72
N CYS D 121 -1.64 10.96 18.18
CA CYS D 121 -0.50 11.00 17.27
C CYS D 121 -0.22 9.69 16.55
N ILE D 122 -0.88 8.59 16.95
CA ILE D 122 -0.55 7.30 16.36
C ILE D 122 -1.27 7.15 15.02
N LEU D 123 -2.31 7.95 14.77
CA LEU D 123 -3.05 7.86 13.52
C LEU D 123 -2.16 8.26 12.35
N ALA D 124 -2.45 7.69 11.17
CA ALA D 124 -1.72 8.02 9.95
C ALA D 124 -2.42 9.18 9.24
N ALA D 125 -1.66 10.21 8.92
CA ALA D 125 -2.23 11.35 8.19
C ALA D 125 -1.24 11.87 7.15
N PHE D 126 -1.75 12.63 6.19
CA PHE D 126 -0.81 13.33 5.34
C PHE D 126 -0.09 14.37 6.19
N SER D 127 0.89 15.01 5.59
CA SER D 127 1.67 15.95 6.37
C SER D 127 2.31 16.93 5.41
N ILE D 128 2.84 18.00 5.98
CA ILE D 128 3.44 19.08 5.22
C ILE D 128 4.75 19.42 5.90
N CYS D 129 5.86 19.31 5.16
CA CYS D 129 7.16 19.75 5.65
C CYS D 129 7.42 21.18 5.21
N GLN D 130 8.23 21.88 6.00
CA GLN D 130 8.50 23.29 5.84
C GLN D 130 9.96 23.52 6.19
N LYS D 131 10.61 24.32 5.36
CA LYS D 131 11.99 24.76 5.61
C LYS D 131 12.09 26.21 5.12
N LYS D 132 13.16 26.89 5.51
CA LYS D 132 13.40 28.24 5.00
C LYS D 132 13.83 28.16 3.54
N ALA D 133 13.37 29.12 2.74
CA ALA D 133 13.81 29.18 1.34
C ALA D 133 15.21 29.77 1.27
N ASN D 134 15.92 29.37 0.23
CA ASN D 134 17.28 29.85 -0.04
C ASN D 134 17.11 31.17 -0.78
N LEU D 135 16.88 32.22 -0.03
CA LEU D 135 16.68 33.53 -0.67
C LEU D 135 17.97 34.34 -0.52
N ARG D 136 18.64 34.65 -1.63
CA ARG D 136 19.88 35.51 -1.63
C ARG D 136 20.79 35.12 -0.46
N CYS E 5 6.51 -21.86 32.42
CA CYS E 5 6.64 -20.57 33.07
C CYS E 5 6.57 -19.45 32.02
N SER E 6 7.12 -19.69 30.83
CA SER E 6 6.99 -18.74 29.73
C SER E 6 7.16 -19.50 28.42
N ALA E 7 6.44 -19.03 27.39
CA ALA E 7 6.37 -19.76 26.13
C ALA E 7 7.70 -19.68 25.39
N PRO E 8 8.04 -20.70 24.61
CA PRO E 8 9.27 -20.61 23.78
C PRO E 8 9.27 -19.38 22.86
N CYS E 9 8.17 -19.12 22.16
CA CYS E 9 8.13 -18.07 21.14
C CYS E 9 6.88 -17.22 21.33
N PRO E 10 6.96 -15.94 20.96
CA PRO E 10 5.77 -15.09 21.03
C PRO E 10 4.68 -15.57 20.09
N GLN E 11 3.47 -15.06 20.31
CA GLN E 11 2.39 -15.30 19.36
C GLN E 11 2.76 -14.72 18.00
N ASP E 12 2.30 -15.39 16.94
CA ASP E 12 2.47 -15.09 15.52
C ASP E 12 3.83 -15.54 15.01
N TRP E 13 4.74 -15.99 15.86
CA TRP E 13 6.02 -16.52 15.41
C TRP E 13 5.90 -18.03 15.19
N ILE E 14 6.92 -18.62 14.57
CA ILE E 14 7.01 -20.07 14.42
C ILE E 14 8.21 -20.53 15.24
N TRP E 15 7.97 -21.48 16.16
CA TRP E 15 9.04 -22.05 16.98
C TRP E 15 9.65 -23.23 16.22
N HIS E 16 10.96 -23.19 15.99
CA HIS E 16 11.61 -24.32 15.33
C HIS E 16 13.01 -24.51 15.91
N GLY E 17 13.27 -25.70 16.45
CA GLY E 17 14.58 -25.95 17.06
C GLY E 17 14.82 -25.04 18.24
N GLU E 18 15.96 -24.36 18.24
CA GLU E 18 16.33 -23.43 19.29
C GLU E 18 15.80 -22.02 19.06
N ASN E 19 15.12 -21.77 17.94
CA ASN E 19 14.83 -20.42 17.51
C ASN E 19 13.34 -20.19 17.31
N CYS E 20 12.98 -18.92 17.22
CA CYS E 20 11.67 -18.42 16.84
C CYS E 20 11.81 -17.70 15.50
N TYR E 21 10.80 -17.83 14.64
CA TYR E 21 10.86 -17.21 13.32
C TYR E 21 9.61 -16.37 13.07
N LEU E 22 9.81 -15.18 12.53
CA LEU E 22 8.70 -14.31 12.18
C LEU E 22 8.78 -13.98 10.69
N PHE E 23 7.79 -14.44 9.94
CA PHE E 23 7.72 -14.16 8.51
C PHE E 23 7.00 -12.84 8.30
N SER E 24 7.60 -11.93 7.55
CA SER E 24 6.98 -10.63 7.37
C SER E 24 5.66 -10.75 6.59
N SER E 25 4.82 -9.73 6.71
CA SER E 25 3.58 -9.68 5.95
C SER E 25 3.63 -8.71 4.77
N GLY E 26 4.78 -8.12 4.50
CA GLY E 26 4.91 -7.28 3.32
C GLY E 26 6.38 -7.19 2.96
N SER E 27 6.64 -6.46 1.90
CA SER E 27 7.99 -6.32 1.36
C SER E 27 8.54 -4.95 1.72
N PHE E 28 9.83 -4.93 2.09
CA PHE E 28 10.51 -3.73 2.54
C PHE E 28 11.98 -3.91 2.17
N ASN E 29 12.70 -2.80 2.11
CA ASN E 29 14.10 -2.94 1.76
C ASN E 29 14.87 -3.52 2.96
N TRP E 30 16.12 -3.93 2.71
CA TRP E 30 16.89 -4.68 3.70
C TRP E 30 17.11 -3.85 4.97
N GLU E 31 17.51 -2.60 4.82
CA GLU E 31 17.74 -1.78 6.01
C GLU E 31 16.45 -1.68 6.84
N LYS E 32 15.30 -1.47 6.22
CA LYS E 32 14.03 -1.42 7.00
C LYS E 32 13.68 -2.81 7.55
N SER E 33 13.93 -3.86 6.79
CA SER E 33 13.71 -5.20 7.32
C SER E 33 14.61 -5.42 8.51
N GLN E 34 15.88 -5.00 8.42
CA GLN E 34 16.78 -5.13 9.57
C GLN E 34 16.20 -4.40 10.78
N GLU E 35 15.75 -3.16 10.57
CA GLU E 35 15.19 -2.37 11.67
C GLU E 35 13.98 -3.05 12.31
N LYS E 36 13.12 -3.66 11.50
CA LYS E 36 11.98 -4.39 12.04
C LYS E 36 12.45 -5.50 12.97
N CYS E 37 13.48 -6.23 12.57
CA CYS E 37 13.92 -7.33 13.41
C CYS E 37 14.51 -6.82 14.73
N LEU E 38 15.34 -5.79 14.68
CA LEU E 38 15.91 -5.20 15.92
C LEU E 38 14.78 -4.73 16.85
N SER E 39 13.74 -4.11 16.32
CA SER E 39 12.56 -3.63 17.09
C SER E 39 11.94 -4.76 17.92
N LEU E 40 12.11 -6.00 17.48
CA LEU E 40 11.49 -7.15 18.15
C LEU E 40 12.57 -7.99 18.84
N ASP E 41 13.69 -7.38 19.20
CA ASP E 41 14.79 -8.11 19.87
C ASP E 41 15.20 -9.33 19.02
N ALA E 42 15.25 -9.11 17.72
CA ALA E 42 15.60 -10.22 16.83
C ALA E 42 16.58 -9.74 15.76
N LYS E 43 16.91 -10.63 14.84
CA LYS E 43 17.76 -10.22 13.70
C LYS E 43 17.21 -10.87 12.45
N LEU E 44 17.72 -10.46 11.31
CA LEU E 44 17.35 -11.15 10.09
C LEU E 44 17.85 -12.59 10.13
N LEU E 45 17.14 -13.45 9.41
CA LEU E 45 17.43 -14.87 9.28
C LEU E 45 18.92 -15.16 9.17
N LYS E 46 19.40 -16.06 10.03
CA LYS E 46 20.76 -16.58 9.94
C LYS E 46 20.67 -18.08 9.75
N ILE E 47 21.13 -18.58 8.60
CA ILE E 47 21.10 -20.01 8.32
C ILE E 47 22.40 -20.62 8.85
N ASN E 48 22.30 -21.39 9.94
CA ASN E 48 23.44 -22.00 10.62
C ASN E 48 23.70 -23.44 10.23
N SER E 49 22.82 -24.08 9.47
CA SER E 49 22.97 -25.51 9.20
C SER E 49 22.05 -25.90 8.07
N THR E 50 22.32 -27.08 7.52
CA THR E 50 21.44 -27.64 6.51
C THR E 50 20.02 -27.79 7.05
N ALA E 51 19.88 -28.15 8.33
CA ALA E 51 18.55 -28.29 8.91
C ALA E 51 17.80 -26.95 8.87
N ASP E 52 18.50 -25.85 9.23
CA ASP E 52 17.94 -24.52 9.10
C ASP E 52 17.46 -24.25 7.68
N LEU E 53 18.31 -24.55 6.70
CA LEU E 53 17.95 -24.31 5.30
C LEU E 53 16.73 -25.11 4.91
N ASP E 54 16.67 -26.38 5.31
CA ASP E 54 15.51 -27.25 4.97
C ASP E 54 14.23 -26.68 5.59
N PHE E 55 14.31 -26.26 6.83
CA PHE E 55 13.16 -25.64 7.47
C PHE E 55 12.67 -24.41 6.69
N ILE E 56 13.59 -23.49 6.38
CA ILE E 56 13.23 -22.25 5.67
C ILE E 56 12.70 -22.56 4.28
N GLN E 57 13.37 -23.45 3.57
CA GLN E 57 12.94 -23.82 2.23
C GLN E 57 11.52 -24.36 2.22
N GLN E 58 11.19 -25.21 3.19
CA GLN E 58 9.82 -25.70 3.29
C GLN E 58 8.87 -24.58 3.68
N ALA E 59 9.25 -23.77 4.67
CA ALA E 59 8.38 -22.66 5.07
C ALA E 59 8.08 -21.71 3.92
N ILE E 60 9.07 -21.45 3.07
CA ILE E 60 8.84 -20.48 1.95
C ILE E 60 8.36 -21.22 0.69
N SER E 61 8.20 -22.55 0.74
CA SER E 61 7.78 -23.25 -0.47
C SER E 61 6.40 -22.83 -0.95
N TYR E 62 5.58 -22.23 -0.07
CA TYR E 62 4.28 -21.66 -0.46
C TYR E 62 4.42 -20.36 -1.25
N SER E 63 5.64 -19.86 -1.44
CA SER E 63 5.87 -18.52 -1.99
C SER E 63 6.79 -18.55 -3.20
N SER E 64 6.49 -17.71 -4.18
CA SER E 64 7.48 -17.42 -5.23
C SER E 64 8.21 -16.11 -4.96
N PHE E 65 8.01 -15.50 -3.76
CA PHE E 65 8.51 -14.16 -3.46
C PHE E 65 9.94 -14.22 -2.95
N PRO E 66 10.68 -13.11 -3.01
CA PRO E 66 12.01 -13.10 -2.42
C PRO E 66 11.93 -12.75 -0.93
N PHE E 67 12.83 -13.38 -0.16
CA PHE E 67 12.90 -13.15 1.29
C PHE E 67 14.32 -12.74 1.65
N TRP E 68 14.48 -11.55 2.23
CA TRP E 68 15.80 -11.13 2.73
C TRP E 68 16.27 -12.05 3.87
N MET E 69 17.57 -12.34 3.89
CA MET E 69 18.23 -12.92 5.05
C MET E 69 19.34 -11.99 5.54
N GLY E 70 19.96 -12.35 6.66
CA GLY E 70 20.89 -11.44 7.34
C GLY E 70 22.32 -11.47 6.83
N LEU E 71 22.49 -11.93 5.58
CA LEU E 71 23.79 -12.02 4.92
C LEU E 71 23.97 -10.84 3.97
N SER E 72 25.08 -10.14 4.09
CA SER E 72 25.25 -8.95 3.28
C SER E 72 26.73 -8.59 3.18
N ARG E 73 27.00 -7.64 2.28
CA ARG E 73 28.32 -7.03 2.18
C ARG E 73 28.15 -5.71 1.45
N ARG E 74 28.86 -4.69 1.93
CA ARG E 74 28.69 -3.33 1.35
C ARG E 74 29.17 -3.31 -0.11
N ASN E 75 30.18 -4.11 -0.47
CA ASN E 75 30.60 -4.24 -1.86
C ASN E 75 31.53 -5.45 -2.00
N PRO E 76 31.97 -5.84 -3.20
CA PRO E 76 32.77 -7.08 -3.31
C PRO E 76 34.13 -7.01 -2.65
N SER E 77 34.56 -5.83 -2.17
CA SER E 77 35.80 -5.74 -1.41
C SER E 77 35.65 -6.41 -0.03
N TYR E 78 34.43 -6.35 0.56
CA TYR E 78 34.09 -6.88 1.87
C TYR E 78 33.70 -8.35 1.79
N PRO E 79 33.84 -9.10 2.88
CA PRO E 79 33.38 -10.50 2.85
C PRO E 79 31.88 -10.58 3.07
N TRP E 80 31.27 -11.65 2.56
CA TRP E 80 29.89 -11.93 2.94
C TRP E 80 29.83 -12.22 4.44
N LEU E 81 29.03 -11.45 5.18
CA LEU E 81 28.92 -11.64 6.61
C LEU E 81 27.48 -11.60 7.02
N TRP E 82 27.12 -12.49 7.95
CA TRP E 82 25.87 -12.37 8.68
C TRP E 82 25.93 -11.14 9.57
N GLU E 83 24.77 -10.71 10.06
CA GLU E 83 24.74 -9.51 10.88
C GLU E 83 25.62 -9.63 12.12
N ASP E 84 25.77 -10.84 12.66
CA ASP E 84 26.62 -11.05 13.83
C ASP E 84 28.10 -11.11 13.49
N GLY E 85 28.47 -10.91 12.22
CA GLY E 85 29.85 -10.89 11.78
C GLY E 85 30.44 -12.25 11.46
N SER E 86 29.73 -13.32 11.77
CA SER E 86 30.19 -14.63 11.41
C SER E 86 30.18 -14.76 9.89
N PRO E 87 30.96 -15.69 9.35
CA PRO E 87 31.00 -15.87 7.90
C PRO E 87 29.91 -16.84 7.43
N LEU E 88 29.73 -16.87 6.11
CA LEU E 88 28.87 -17.86 5.48
C LEU E 88 29.64 -19.18 5.48
N MET E 89 29.23 -20.09 6.34
CA MET E 89 29.76 -21.44 6.37
C MET E 89 29.47 -22.05 4.99
N PRO E 90 30.48 -22.35 4.17
CA PRO E 90 30.20 -22.97 2.87
C PRO E 90 29.62 -24.37 3.06
N HIS E 91 29.21 -24.95 1.93
CA HIS E 91 28.53 -26.25 1.88
C HIS E 91 27.09 -26.12 2.39
N LEU E 92 26.72 -24.94 2.88
CA LEU E 92 25.30 -24.66 3.12
C LEU E 92 24.61 -24.28 1.82
N PHE E 93 25.09 -23.21 1.18
CA PHE E 93 24.53 -22.81 -0.11
C PHE E 93 25.51 -21.90 -0.82
N ARG E 94 25.22 -21.70 -2.07
CA ARG E 94 26.01 -20.76 -2.87
C ARG E 94 25.13 -19.54 -3.18
N VAL E 95 25.66 -18.36 -2.98
CA VAL E 95 24.96 -17.15 -3.40
C VAL E 95 25.07 -17.03 -4.92
N ARG E 96 23.94 -17.11 -5.61
CA ARG E 96 23.95 -17.04 -7.05
C ARG E 96 23.74 -15.61 -7.51
N GLY E 97 23.78 -15.43 -8.82
CA GLY E 97 23.54 -14.09 -9.35
C GLY E 97 24.75 -13.20 -9.43
N ALA E 98 24.53 -11.89 -9.54
CA ALA E 98 25.63 -10.93 -9.69
C ALA E 98 26.29 -10.60 -8.35
N VAL E 99 27.13 -11.51 -7.87
CA VAL E 99 27.83 -11.28 -6.60
C VAL E 99 28.92 -10.21 -6.69
N SER E 100 29.36 -9.84 -7.89
CA SER E 100 30.47 -8.90 -8.03
C SER E 100 30.01 -7.47 -8.29
N GLN E 101 28.72 -7.19 -8.18
CA GLN E 101 28.24 -5.84 -8.44
C GLN E 101 28.38 -4.98 -7.19
N THR E 102 28.72 -3.72 -7.40
CA THR E 102 28.72 -2.72 -6.35
C THR E 102 27.44 -1.89 -6.43
N TYR E 103 26.72 -1.81 -5.32
CA TYR E 103 25.54 -0.96 -5.25
C TYR E 103 25.75 0.10 -4.18
N PRO E 104 25.12 1.27 -4.32
CA PRO E 104 25.23 2.31 -3.27
C PRO E 104 24.81 1.85 -1.89
N SER E 105 23.70 1.12 -1.77
CA SER E 105 23.19 0.65 -0.49
C SER E 105 23.77 -0.70 -0.07
N GLY E 106 24.74 -1.23 -0.80
CA GLY E 106 25.30 -2.54 -0.54
C GLY E 106 24.59 -3.67 -1.29
N THR E 107 25.17 -4.86 -1.13
CA THR E 107 24.66 -6.09 -1.74
C THR E 107 24.16 -7.00 -0.61
N CYS E 108 22.97 -7.58 -0.79
CA CYS E 108 22.31 -8.38 0.25
C CYS E 108 21.83 -9.71 -0.33
N ALA E 109 21.85 -10.74 0.49
CA ALA E 109 21.40 -12.06 0.05
C ALA E 109 19.91 -12.23 0.31
N TYR E 110 19.28 -12.96 -0.61
CA TYR E 110 17.86 -13.30 -0.46
C TYR E 110 17.64 -14.73 -0.95
N ILE E 111 16.58 -15.34 -0.47
CA ILE E 111 16.20 -16.67 -0.91
C ILE E 111 14.89 -16.55 -1.67
N GLN E 112 14.80 -17.28 -2.79
CA GLN E 112 13.59 -17.29 -3.60
C GLN E 112 13.52 -18.64 -4.28
N ARG E 113 12.36 -19.30 -4.16
CA ARG E 113 12.18 -20.68 -4.66
C ARG E 113 13.31 -21.59 -4.20
N GLY E 114 13.68 -21.46 -2.93
CA GLY E 114 14.68 -22.32 -2.35
C GLY E 114 16.14 -22.00 -2.67
N ALA E 115 16.40 -21.01 -3.51
CA ALA E 115 17.78 -20.69 -3.92
C ALA E 115 18.19 -19.30 -3.42
N VAL E 116 19.48 -19.13 -3.19
CA VAL E 116 19.98 -17.89 -2.60
C VAL E 116 20.66 -17.07 -3.69
N TYR E 117 20.29 -15.81 -3.76
CA TYR E 117 20.79 -14.86 -4.75
C TYR E 117 21.21 -13.60 -4.02
N ALA E 118 22.05 -12.84 -4.69
CA ALA E 118 22.49 -11.53 -4.24
C ALA E 118 21.70 -10.46 -4.97
N GLU E 119 21.40 -9.39 -4.26
CA GLU E 119 20.73 -8.27 -4.92
C GLU E 119 20.99 -6.94 -4.24
N ASN E 120 20.74 -5.90 -4.98
CA ASN E 120 20.75 -4.55 -4.46
C ASN E 120 19.91 -4.44 -3.20
N CYS E 121 20.53 -4.02 -2.09
CA CYS E 121 19.82 -3.97 -0.82
C CYS E 121 18.67 -2.97 -0.81
N ILE E 122 18.57 -2.09 -1.80
CA ILE E 122 17.48 -1.12 -1.82
C ILE E 122 16.18 -1.75 -2.32
N LEU E 123 16.24 -2.92 -2.98
CA LEU E 123 15.01 -3.58 -3.40
C LEU E 123 14.14 -3.95 -2.21
N ALA E 124 12.83 -4.08 -2.43
CA ALA E 124 11.91 -4.41 -1.35
C ALA E 124 11.60 -5.91 -1.39
N ALA E 125 11.89 -6.61 -0.30
CA ALA E 125 11.63 -8.05 -0.26
C ALA E 125 10.86 -8.40 0.99
N PHE E 126 10.29 -9.59 0.99
CA PHE E 126 9.83 -10.10 2.28
C PHE E 126 11.04 -10.40 3.14
N SER E 127 10.80 -10.71 4.38
CA SER E 127 11.92 -11.06 5.23
C SER E 127 11.46 -12.02 6.31
N ILE E 128 12.44 -12.52 7.06
CA ILE E 128 12.20 -13.48 8.12
C ILE E 128 13.07 -13.04 9.30
N CYS E 129 12.44 -12.75 10.44
CA CYS E 129 13.22 -12.45 11.65
C CYS E 129 13.41 -13.72 12.45
N GLN E 130 14.50 -13.74 13.21
CA GLN E 130 14.91 -14.90 13.97
C GLN E 130 15.44 -14.44 15.32
N LYS E 131 15.10 -15.19 16.37
CA LYS E 131 15.72 -14.99 17.67
C LYS E 131 15.70 -16.30 18.41
N LYS E 132 16.50 -16.38 19.48
CA LYS E 132 16.52 -17.60 20.27
C LYS E 132 15.20 -17.80 20.98
N ALA E 133 14.76 -19.05 21.01
CA ALA E 133 13.56 -19.40 21.76
C ALA E 133 13.88 -19.42 23.25
N ASN E 134 12.84 -19.21 24.05
CA ASN E 134 12.94 -19.20 25.50
C ASN E 134 12.89 -20.66 25.99
N LEU E 135 14.00 -21.33 26.05
CA LEU E 135 13.85 -22.70 26.57
C LEU E 135 14.72 -22.90 27.81
N ARG E 136 14.34 -23.86 28.65
CA ARG E 136 15.15 -24.19 29.85
C ARG E 136 16.09 -25.35 29.49
N CYS F 5 8.05 -24.87 30.80
CA CYS F 5 6.97 -25.71 31.33
C CYS F 5 6.24 -26.47 30.21
N SER F 6 5.15 -25.88 29.69
CA SER F 6 4.35 -26.49 28.63
C SER F 6 4.07 -25.46 27.55
N ALA F 7 4.67 -25.64 26.37
CA ALA F 7 4.54 -24.67 25.30
C ALA F 7 3.13 -24.68 24.73
N PRO F 8 2.59 -23.53 24.31
CA PRO F 8 1.22 -23.53 23.78
C PRO F 8 1.10 -24.30 22.48
N CYS F 9 2.14 -24.33 21.65
CA CYS F 9 1.99 -24.89 20.32
C CYS F 9 3.20 -25.75 19.97
N PRO F 10 3.00 -26.78 19.16
CA PRO F 10 4.13 -27.59 18.73
C PRO F 10 5.05 -26.74 17.89
N GLN F 11 6.28 -27.22 17.74
CA GLN F 11 7.19 -26.61 16.80
C GLN F 11 6.56 -26.61 15.40
N ASP F 12 6.85 -25.56 14.64
CA ASP F 12 6.52 -25.42 13.23
C ASP F 12 5.07 -24.97 13.01
N TRP F 13 4.24 -24.89 14.05
CA TRP F 13 2.93 -24.27 13.97
C TRP F 13 3.05 -22.80 14.31
N ILE F 14 2.04 -22.02 13.92
CA ILE F 14 1.93 -20.64 14.37
C ILE F 14 0.96 -20.55 15.54
N TRP F 15 1.42 -20.03 16.66
CA TRP F 15 0.56 -19.81 17.83
C TRP F 15 -0.13 -18.46 17.69
N HIS F 16 -1.46 -18.45 17.74
CA HIS F 16 -2.15 -17.16 17.75
C HIS F 16 -3.41 -17.24 18.59
N GLY F 17 -3.47 -16.36 19.59
CA GLY F 17 -4.63 -16.37 20.48
C GLY F 17 -4.66 -17.64 21.29
N GLU F 18 -5.75 -18.37 21.15
CA GLU F 18 -5.91 -19.64 21.85
C GLU F 18 -5.68 -20.84 20.93
N ASN F 19 -5.09 -20.63 19.75
CA ASN F 19 -4.99 -21.74 18.81
C ASN F 19 -3.61 -21.78 18.17
N CYS F 20 -3.36 -22.93 17.54
CA CYS F 20 -2.16 -23.23 16.77
C CYS F 20 -2.61 -23.47 15.34
N TYR F 21 -1.85 -22.93 14.40
CA TYR F 21 -2.20 -23.00 12.98
C TYR F 21 -1.07 -23.62 12.18
N LEU F 22 -1.41 -24.40 11.16
CA LEU F 22 -0.45 -25.12 10.34
C LEU F 22 -0.91 -25.10 8.89
N PHE F 23 0.00 -24.86 7.97
CA PHE F 23 -0.36 -24.96 6.54
C PHE F 23 -0.16 -26.42 6.11
N SER F 24 -1.07 -26.93 5.29
CA SER F 24 -0.93 -28.28 4.76
C SER F 24 0.34 -28.41 3.92
N SER F 25 0.93 -29.61 3.95
CA SER F 25 2.09 -29.86 3.10
C SER F 25 1.71 -29.96 1.62
N GLY F 26 0.44 -30.18 1.31
CA GLY F 26 0.07 -30.47 -0.05
C GLY F 26 -1.32 -29.96 -0.36
N SER F 27 -1.65 -30.05 -1.65
CA SER F 27 -2.87 -29.49 -2.24
C SER F 27 -3.81 -30.64 -2.55
N PHE F 28 -5.01 -30.59 -1.98
CA PHE F 28 -5.93 -31.72 -1.98
C PHE F 28 -7.35 -31.17 -1.97
N ASN F 29 -8.31 -32.05 -2.30
CA ASN F 29 -9.71 -31.62 -2.25
C ASN F 29 -10.16 -31.45 -0.81
N TRP F 30 -11.28 -30.76 -0.65
CA TRP F 30 -11.70 -30.30 0.67
C TRP F 30 -11.89 -31.46 1.63
N GLU F 31 -12.50 -32.55 1.16
CA GLU F 31 -12.76 -33.68 2.06
C GLU F 31 -11.48 -34.36 2.50
N LYS F 32 -10.50 -34.50 1.62
CA LYS F 32 -9.20 -35.07 2.05
C LYS F 32 -8.46 -34.09 2.97
N SER F 33 -8.51 -32.80 2.66
CA SER F 33 -7.88 -31.81 3.53
C SER F 33 -8.45 -31.87 4.94
N GLN F 34 -9.77 -32.09 5.08
CA GLN F 34 -10.44 -32.26 6.40
C GLN F 34 -9.88 -33.50 7.11
N GLU F 35 -9.76 -34.61 6.39
CA GLU F 35 -9.22 -35.85 6.96
C GLU F 35 -7.81 -35.59 7.46
N LYS F 36 -7.00 -34.87 6.68
CA LYS F 36 -5.64 -34.63 7.12
C LYS F 36 -5.60 -33.85 8.43
N CYS F 37 -6.40 -32.77 8.52
CA CYS F 37 -6.40 -32.00 9.76
C CYS F 37 -6.88 -32.86 10.93
N LEU F 38 -7.95 -33.65 10.73
CA LEU F 38 -8.38 -34.61 11.75
C LEU F 38 -7.24 -35.53 12.19
N SER F 39 -6.54 -36.13 11.23
CA SER F 39 -5.48 -37.07 11.58
C SER F 39 -4.39 -36.41 12.41
N LEU F 40 -4.21 -35.10 12.26
CA LEU F 40 -3.29 -34.33 13.08
C LEU F 40 -3.94 -33.80 14.36
N ASP F 41 -5.07 -34.38 14.77
CA ASP F 41 -5.84 -33.93 15.95
C ASP F 41 -6.18 -32.44 15.85
N ALA F 42 -6.62 -32.04 14.66
CA ALA F 42 -6.91 -30.65 14.36
C ALA F 42 -8.18 -30.62 13.56
N LYS F 43 -8.50 -29.44 13.04
CA LYS F 43 -9.65 -29.23 12.19
C LYS F 43 -9.26 -28.18 11.17
N LEU F 44 -10.05 -28.08 10.11
CA LEU F 44 -9.83 -27.02 9.15
C LEU F 44 -10.08 -25.67 9.82
N LEU F 45 -9.43 -24.66 9.30
CA LEU F 45 -9.50 -23.32 9.87
C LEU F 45 -10.94 -22.85 10.06
N LYS F 46 -11.20 -22.29 11.24
CA LYS F 46 -12.47 -21.64 11.54
C LYS F 46 -12.20 -20.20 11.91
N ILE F 47 -12.82 -19.26 11.19
CA ILE F 47 -12.62 -17.84 11.45
C ILE F 47 -13.78 -17.34 12.30
N ASN F 48 -13.47 -16.94 13.53
CA ASN F 48 -14.45 -16.49 14.52
C ASN F 48 -14.49 -14.97 14.68
N SER F 49 -13.61 -14.24 14.01
CA SER F 49 -13.50 -12.82 14.27
C SER F 49 -12.73 -12.16 13.14
N THR F 50 -12.98 -10.87 12.99
CA THR F 50 -12.18 -10.07 12.09
C THR F 50 -10.71 -10.14 12.47
N ALA F 51 -10.42 -10.18 13.77
CA ALA F 51 -9.04 -10.34 14.20
C ALA F 51 -8.46 -11.65 13.70
N ASP F 52 -9.23 -12.76 13.79
CA ASP F 52 -8.81 -14.01 13.16
C ASP F 52 -8.52 -13.82 11.68
N LEU F 53 -9.43 -13.15 10.97
CA LEU F 53 -9.26 -12.95 9.54
C LEU F 53 -7.99 -12.17 9.23
N ASP F 54 -7.73 -11.11 9.99
CA ASP F 54 -6.54 -10.30 9.78
C ASP F 54 -5.27 -11.12 10.02
N PHE F 55 -5.24 -11.91 11.09
CA PHE F 55 -4.11 -12.80 11.33
C PHE F 55 -3.87 -13.74 10.14
N ILE F 56 -4.93 -14.41 9.66
CA ILE F 56 -4.79 -15.37 8.56
C ILE F 56 -4.33 -14.67 7.29
N GLN F 57 -4.97 -13.55 6.95
CA GLN F 57 -4.57 -12.75 5.77
C GLN F 57 -3.07 -12.44 5.85
N GLN F 58 -2.63 -12.07 7.04
CA GLN F 58 -1.20 -11.76 7.22
C GLN F 58 -0.36 -13.04 7.12
N ALA F 59 -0.88 -14.12 7.69
CA ALA F 59 -0.08 -15.33 7.69
C ALA F 59 0.12 -15.89 6.27
N ILE F 60 -0.83 -15.65 5.35
CA ILE F 60 -0.72 -16.13 3.97
C ILE F 60 -0.27 -15.05 3.01
N SER F 61 0.14 -13.88 3.51
CA SER F 61 0.41 -12.75 2.62
C SER F 61 1.57 -13.03 1.67
N TYR F 62 2.49 -13.90 2.05
CA TYR F 62 3.57 -14.22 1.12
C TYR F 62 3.27 -15.42 0.25
N SER F 63 2.02 -15.88 0.19
CA SER F 63 1.67 -16.99 -0.69
C SER F 63 0.49 -16.59 -1.59
N SER F 64 0.58 -16.96 -2.87
CA SER F 64 -0.56 -16.73 -3.75
C SER F 64 -1.51 -17.92 -3.82
N PHE F 65 -1.23 -18.95 -3.04
CA PHE F 65 -2.03 -20.19 -3.11
C PHE F 65 -3.41 -20.06 -2.47
N PRO F 66 -4.40 -20.80 -2.98
CA PRO F 66 -5.66 -20.90 -2.29
C PRO F 66 -5.53 -21.84 -1.08
N PHE F 67 -6.20 -21.48 0.01
CA PHE F 67 -6.15 -22.32 1.24
C PHE F 67 -7.56 -22.65 1.74
N TRP F 68 -7.86 -23.95 1.80
CA TRP F 68 -9.16 -24.38 2.29
C TRP F 68 -9.36 -23.98 3.74
N MET F 69 -10.54 -23.48 4.05
CA MET F 69 -10.94 -23.26 5.43
C MET F 69 -12.11 -24.19 5.71
N GLY F 70 -12.53 -24.23 6.98
CA GLY F 70 -13.52 -25.21 7.43
C GLY F 70 -14.96 -24.91 7.10
N LEU F 71 -15.19 -24.11 6.06
CA LEU F 71 -16.52 -23.63 5.73
C LEU F 71 -17.03 -24.34 4.48
N SER F 72 -18.27 -24.82 4.54
CA SER F 72 -18.84 -25.51 3.38
C SER F 72 -20.36 -25.45 3.42
N ARG F 73 -20.98 -25.83 2.30
CA ARG F 73 -22.44 -25.94 2.21
C ARG F 73 -22.80 -26.83 1.03
N ARG F 74 -23.87 -27.61 1.17
CA ARG F 74 -24.29 -28.51 0.11
C ARG F 74 -24.68 -27.74 -1.15
N ASN F 75 -25.57 -26.76 -1.01
CA ASN F 75 -26.07 -25.98 -2.13
C ASN F 75 -26.44 -24.60 -1.63
N PRO F 76 -26.67 -23.62 -2.56
CA PRO F 76 -26.92 -22.24 -2.12
C PRO F 76 -28.16 -22.03 -1.24
N SER F 77 -28.89 -23.11 -0.96
CA SER F 77 -30.14 -23.00 -0.18
C SER F 77 -29.84 -23.27 1.28
N TYR F 78 -28.77 -24.02 1.55
CA TYR F 78 -28.33 -24.31 2.93
C TYR F 78 -27.39 -23.19 3.43
N PRO F 79 -27.29 -22.97 4.76
CA PRO F 79 -26.37 -21.97 5.29
C PRO F 79 -24.88 -22.33 5.25
N TRP F 80 -24.03 -21.31 5.32
CA TRP F 80 -22.60 -21.57 5.44
C TRP F 80 -22.31 -22.06 6.85
N LEU F 81 -21.70 -23.24 6.97
CA LEU F 81 -21.45 -23.84 8.27
C LEU F 81 -19.98 -24.23 8.40
N TRP F 82 -19.40 -23.95 9.57
CA TRP F 82 -18.11 -24.52 9.91
C TRP F 82 -18.24 -26.03 10.15
N GLU F 83 -17.11 -26.69 10.35
CA GLU F 83 -17.13 -28.15 10.43
C GLU F 83 -17.94 -28.65 11.62
N ASP F 84 -17.98 -27.87 12.70
CA ASP F 84 -18.71 -28.27 13.90
C ASP F 84 -20.17 -27.86 13.85
N GLY F 85 -20.67 -27.45 12.69
CA GLY F 85 -22.06 -27.06 12.54
C GLY F 85 -22.38 -25.66 13.01
N SER F 86 -21.44 -24.97 13.65
CA SER F 86 -21.69 -23.62 14.12
C SER F 86 -21.78 -22.66 12.94
N PRO F 87 -22.54 -21.58 13.06
CA PRO F 87 -22.83 -20.73 11.90
C PRO F 87 -21.66 -19.81 11.57
N LEU F 88 -21.63 -19.39 10.30
CA LEU F 88 -20.77 -18.29 9.90
C LEU F 88 -21.33 -16.99 10.47
N MET F 89 -20.52 -16.25 11.22
CA MET F 89 -20.95 -14.90 11.68
C MET F 89 -21.04 -14.12 10.38
N PRO F 90 -22.21 -13.53 10.04
CA PRO F 90 -22.39 -13.10 8.64
C PRO F 90 -21.55 -11.90 8.25
N HIS F 91 -21.18 -11.05 9.23
CA HIS F 91 -20.48 -9.78 8.94
C HIS F 91 -18.95 -9.90 8.90
N LEU F 92 -18.42 -11.11 8.91
CA LEU F 92 -16.96 -11.21 8.96
C LEU F 92 -16.32 -11.09 7.57
N PHE F 93 -16.89 -11.70 6.54
CA PHE F 93 -16.35 -11.59 5.19
C PHE F 93 -17.42 -11.96 4.17
N ARG F 94 -17.16 -11.63 2.92
CA ARG F 94 -18.08 -12.01 1.83
C ARG F 94 -17.49 -13.16 1.03
N VAL F 95 -18.25 -14.22 0.86
CA VAL F 95 -17.83 -15.37 0.08
C VAL F 95 -18.04 -15.03 -1.39
N ARG F 96 -16.94 -14.87 -2.13
CA ARG F 96 -17.00 -14.53 -3.54
C ARG F 96 -17.07 -15.80 -4.37
N GLY F 97 -16.86 -15.66 -5.67
CA GLY F 97 -16.78 -16.83 -6.53
C GLY F 97 -18.12 -17.51 -6.76
N ALA F 98 -18.06 -18.85 -6.77
CA ALA F 98 -19.14 -19.68 -7.28
C ALA F 98 -20.20 -19.94 -6.21
N VAL F 99 -20.84 -18.86 -5.73
CA VAL F 99 -21.85 -19.02 -4.68
C VAL F 99 -23.21 -19.31 -5.28
N SER F 100 -23.26 -19.61 -6.58
CA SER F 100 -24.54 -19.78 -7.27
C SER F 100 -24.68 -21.12 -8.00
N GLN F 101 -23.84 -22.10 -7.70
CA GLN F 101 -24.00 -23.39 -8.34
C GLN F 101 -24.22 -24.48 -7.30
N THR F 102 -24.55 -25.66 -7.80
CA THR F 102 -24.59 -26.87 -6.99
C THR F 102 -23.56 -27.84 -7.55
N TYR F 103 -22.85 -28.52 -6.66
CA TYR F 103 -21.72 -29.33 -7.06
C TYR F 103 -21.85 -30.70 -6.40
N PRO F 104 -21.15 -31.72 -6.92
CA PRO F 104 -21.32 -33.09 -6.41
C PRO F 104 -21.06 -33.26 -4.91
N SER F 105 -19.86 -32.94 -4.46
CA SER F 105 -19.51 -33.05 -3.05
C SER F 105 -19.86 -31.80 -2.26
N GLY F 106 -20.33 -30.74 -2.92
CA GLY F 106 -20.79 -29.54 -2.26
C GLY F 106 -19.98 -28.32 -2.64
N THR F 107 -20.27 -27.22 -1.95
CA THR F 107 -19.52 -25.98 -2.09
C THR F 107 -18.72 -25.74 -0.82
N CYS F 108 -17.51 -25.23 -0.97
CA CYS F 108 -16.57 -25.05 0.12
C CYS F 108 -15.87 -23.71 -0.05
N ALA F 109 -15.24 -23.21 1.00
CA ALA F 109 -14.62 -21.90 0.94
C ALA F 109 -13.11 -21.97 1.16
N TYR F 110 -12.36 -21.21 0.36
CA TYR F 110 -10.93 -21.05 0.58
C TYR F 110 -10.59 -19.57 0.64
N ILE F 111 -9.44 -19.28 1.22
CA ILE F 111 -8.91 -17.92 1.25
C ILE F 111 -7.72 -17.83 0.29
N GLN F 112 -7.64 -16.73 -0.43
CA GLN F 112 -6.55 -16.46 -1.39
C GLN F 112 -6.34 -14.95 -1.47
N ARG F 113 -5.11 -14.48 -1.25
CA ARG F 113 -4.82 -13.04 -1.42
C ARG F 113 -5.77 -12.21 -0.56
N GLY F 114 -6.08 -12.71 0.63
CA GLY F 114 -6.87 -11.91 1.59
C GLY F 114 -8.38 -11.97 1.42
N ALA F 115 -8.87 -12.81 0.52
CA ALA F 115 -10.32 -12.87 0.24
C ALA F 115 -10.81 -14.31 0.22
N VAL F 116 -12.11 -14.47 0.36
CA VAL F 116 -12.71 -15.78 0.53
C VAL F 116 -13.55 -16.09 -0.71
N TYR F 117 -13.37 -17.30 -1.24
CA TYR F 117 -14.00 -17.73 -2.49
C TYR F 117 -14.71 -19.06 -2.28
N ALA F 118 -15.85 -19.22 -2.95
CA ALA F 118 -16.53 -20.50 -3.02
C ALA F 118 -16.04 -21.28 -4.24
N GLU F 119 -15.67 -22.54 -4.02
CA GLU F 119 -15.49 -23.51 -5.11
C GLU F 119 -16.04 -24.88 -4.76
N ASN F 120 -16.02 -25.69 -5.80
CA ASN F 120 -16.41 -27.10 -5.63
C ASN F 120 -15.38 -27.74 -4.72
N CYS F 121 -15.84 -28.52 -3.75
CA CYS F 121 -14.96 -29.20 -2.78
C CYS F 121 -14.05 -30.21 -3.48
N ILE F 122 -14.16 -30.38 -4.79
CA ILE F 122 -13.37 -31.39 -5.54
C ILE F 122 -12.07 -30.77 -5.98
N LEU F 123 -12.04 -29.44 -6.07
CA LEU F 123 -10.77 -28.77 -6.41
C LEU F 123 -9.74 -29.00 -5.29
N ALA F 124 -8.50 -29.25 -5.68
CA ALA F 124 -7.40 -29.38 -4.75
C ALA F 124 -6.90 -28.00 -4.40
N ALA F 125 -6.70 -27.78 -3.11
CA ALA F 125 -6.04 -26.57 -2.66
C ALA F 125 -5.26 -26.92 -1.42
N PHE F 126 -4.39 -26.01 -1.02
CA PHE F 126 -3.76 -26.15 0.26
C PHE F 126 -4.80 -25.90 1.33
N SER F 127 -4.39 -26.07 2.55
CA SER F 127 -5.34 -25.92 3.65
C SER F 127 -4.64 -25.40 4.90
N ILE F 128 -5.41 -24.85 5.80
CA ILE F 128 -4.90 -24.44 7.08
C ILE F 128 -5.60 -25.28 8.13
N CYS F 129 -4.82 -25.90 9.02
CA CYS F 129 -5.35 -26.65 10.14
C CYS F 129 -5.16 -25.84 11.41
N GLN F 130 -5.95 -26.18 12.42
CA GLN F 130 -6.01 -25.40 13.65
C GLN F 130 -6.34 -26.34 14.80
N LYS F 131 -5.61 -26.22 15.93
CA LYS F 131 -5.94 -26.95 17.16
C LYS F 131 -5.76 -26.02 18.35
N LYS F 132 -6.39 -26.39 19.46
CA LYS F 132 -6.34 -25.58 20.68
C LYS F 132 -4.92 -25.51 21.22
N ALA F 133 -4.47 -24.30 21.57
CA ALA F 133 -3.20 -24.15 22.23
C ALA F 133 -3.30 -24.57 23.70
N ASN F 134 -2.18 -25.07 24.23
CA ASN F 134 -2.07 -25.42 25.65
C ASN F 134 -1.72 -24.18 26.44
N LEU F 135 -2.67 -23.66 27.23
CA LEU F 135 -2.44 -22.41 27.97
C LEU F 135 -2.57 -22.61 29.50
N ARG F 136 -2.65 -21.49 30.21
CA ARG F 136 -2.80 -21.50 31.69
C ARG F 136 -4.15 -22.09 32.10
N CYS G 5 13.80 5.07 -45.57
CA CYS G 5 14.31 3.83 -46.16
C CYS G 5 15.06 3.02 -45.13
N SER G 6 16.15 3.59 -44.61
CA SER G 6 16.91 2.95 -43.56
C SER G 6 16.19 3.11 -42.23
N ALA G 7 16.43 2.16 -41.34
CA ALA G 7 15.77 2.22 -40.05
C ALA G 7 16.48 3.22 -39.14
N PRO G 8 15.74 3.91 -38.28
CA PRO G 8 16.40 4.86 -37.36
C PRO G 8 17.51 4.24 -36.54
N CYS G 9 17.29 3.05 -35.97
CA CYS G 9 18.28 2.44 -35.10
C CYS G 9 18.50 1.00 -35.49
N PRO G 10 19.69 0.46 -35.23
CA PRO G 10 19.95 -0.96 -35.48
C PRO G 10 19.06 -1.84 -34.61
N GLN G 11 19.01 -3.11 -34.98
CA GLN G 11 18.37 -4.10 -34.14
C GLN G 11 19.03 -4.15 -32.77
N ASP G 12 18.22 -4.38 -31.73
CA ASP G 12 18.59 -4.48 -30.33
C ASP G 12 18.82 -3.11 -29.70
N TRP G 13 18.87 -2.03 -30.47
CA TRP G 13 18.96 -0.70 -29.89
C TRP G 13 17.56 -0.22 -29.55
N ILE G 14 17.48 0.88 -28.82
CA ILE G 14 16.22 1.57 -28.59
C ILE G 14 16.31 2.95 -29.23
N TRP G 15 15.38 3.21 -30.15
CA TRP G 15 15.19 4.53 -30.74
C TRP G 15 14.39 5.40 -29.78
N HIS G 16 14.96 6.53 -29.38
CA HIS G 16 14.19 7.51 -28.64
C HIS G 16 14.56 8.89 -29.14
N GLY G 17 13.57 9.57 -29.73
CA GLY G 17 13.77 10.90 -30.23
C GLY G 17 14.73 10.82 -31.38
N GLU G 18 15.87 11.46 -31.21
CA GLU G 18 16.86 11.61 -32.29
C GLU G 18 18.09 10.77 -32.02
N ASN G 19 18.03 9.92 -31.01
CA ASN G 19 19.13 9.09 -30.59
C ASN G 19 18.71 7.64 -30.57
N CYS G 20 19.72 6.76 -30.54
CA CYS G 20 19.57 5.33 -30.34
C CYS G 20 20.34 4.97 -29.07
N TYR G 21 19.80 4.05 -28.28
CA TYR G 21 20.45 3.68 -27.02
C TYR G 21 20.62 2.18 -26.93
N LEU G 22 21.66 1.75 -26.20
CA LEU G 22 21.99 0.34 -26.03
C LEU G 22 22.64 0.13 -24.66
N PHE G 23 22.27 -0.95 -23.98
CA PHE G 23 22.99 -1.37 -22.80
C PHE G 23 24.25 -2.12 -23.25
N SER G 24 25.34 -1.94 -22.52
CA SER G 24 26.53 -2.71 -22.83
C SER G 24 26.30 -4.20 -22.60
N SER G 25 27.05 -5.01 -23.34
CA SER G 25 27.05 -6.47 -23.15
C SER G 25 27.60 -6.85 -21.78
N GLY G 26 28.75 -6.29 -21.42
CA GLY G 26 29.45 -6.67 -20.22
C GLY G 26 29.66 -5.48 -19.30
N SER G 27 30.26 -5.78 -18.16
CA SER G 27 30.47 -4.81 -17.09
C SER G 27 31.98 -4.53 -17.02
N PHE G 28 32.37 -3.31 -17.39
CA PHE G 28 33.77 -2.94 -17.49
C PHE G 28 34.00 -1.60 -16.79
N ASN G 29 35.24 -1.13 -16.75
CA ASN G 29 35.48 0.18 -16.17
C ASN G 29 35.08 1.26 -17.16
N TRP G 30 35.02 2.50 -16.66
CA TRP G 30 34.52 3.62 -17.46
C TRP G 30 35.35 3.79 -18.71
N GLU G 31 36.68 3.72 -18.59
CA GLU G 31 37.52 3.88 -19.78
C GLU G 31 37.27 2.78 -20.78
N LYS G 32 37.13 1.54 -20.31
CA LYS G 32 36.85 0.49 -21.28
C LYS G 32 35.40 0.55 -21.76
N SER G 33 34.47 0.90 -20.86
CA SER G 33 33.09 1.17 -21.31
C SER G 33 33.10 2.24 -22.39
N GLN G 34 33.85 3.31 -22.16
CA GLN G 34 34.03 4.33 -23.18
C GLN G 34 34.62 3.75 -24.46
N GLU G 35 35.58 2.84 -24.41
CA GLU G 35 36.18 2.36 -25.69
C GLU G 35 35.19 1.49 -26.46
N LYS G 36 34.30 0.81 -25.76
CA LYS G 36 33.33 -0.11 -26.40
C LYS G 36 32.21 0.66 -27.07
N CYS G 37 31.80 1.78 -26.50
CA CYS G 37 30.80 2.59 -27.20
C CYS G 37 31.39 3.13 -28.49
N LEU G 38 32.64 3.58 -28.45
CA LEU G 38 33.27 4.10 -29.67
C LEU G 38 33.32 3.04 -30.77
N SER G 39 33.66 1.80 -30.41
CA SER G 39 33.68 0.74 -31.41
C SER G 39 32.29 0.36 -31.92
N LEU G 40 31.22 0.89 -31.33
CA LEU G 40 29.88 0.77 -31.89
C LEU G 40 29.44 2.07 -32.55
N ASP G 41 30.39 2.95 -32.88
CA ASP G 41 30.11 4.26 -33.49
C ASP G 41 29.15 5.08 -32.64
N ALA G 42 29.40 5.09 -31.33
CA ALA G 42 28.51 5.70 -30.37
C ALA G 42 29.36 6.28 -29.26
N LYS G 43 28.71 6.85 -28.24
CA LYS G 43 29.39 7.37 -27.07
C LYS G 43 28.64 6.94 -25.82
N LEU G 44 29.24 7.20 -24.67
CA LEU G 44 28.54 7.01 -23.41
C LEU G 44 27.39 8.00 -23.30
N LEU G 45 26.32 7.56 -22.64
CA LEU G 45 25.12 8.34 -22.43
C LEU G 45 25.44 9.78 -22.01
N LYS G 46 24.84 10.73 -22.70
CA LYS G 46 24.84 12.11 -22.27
C LYS G 46 23.41 12.55 -22.07
N ILE G 47 23.08 12.97 -20.86
CA ILE G 47 21.71 13.37 -20.55
C ILE G 47 21.62 14.89 -20.73
N ASN G 48 20.89 15.32 -21.74
CA ASN G 48 20.83 16.71 -22.15
C ASN G 48 19.53 17.39 -21.78
N SER G 49 18.60 16.69 -21.16
CA SER G 49 17.32 17.28 -20.83
C SER G 49 16.61 16.38 -19.85
N THR G 50 15.64 16.94 -19.13
CA THR G 50 14.85 16.11 -18.23
C THR G 50 14.16 14.98 -18.99
N ALA G 51 13.79 15.23 -20.25
CA ALA G 51 13.20 14.18 -21.06
C ALA G 51 14.16 13.01 -21.25
N ASP G 52 15.45 13.27 -21.51
CA ASP G 52 16.43 12.19 -21.63
C ASP G 52 16.47 11.38 -20.35
N LEU G 53 16.59 12.07 -19.22
CA LEU G 53 16.65 11.40 -17.92
C LEU G 53 15.43 10.53 -17.71
N ASP G 54 14.24 11.09 -17.96
CA ASP G 54 13.00 10.32 -17.83
C ASP G 54 13.00 9.08 -18.69
N PHE G 55 13.44 9.20 -19.95
CA PHE G 55 13.49 8.03 -20.82
C PHE G 55 14.45 6.99 -20.27
N ILE G 56 15.63 7.41 -19.84
CA ILE G 56 16.60 6.46 -19.29
C ILE G 56 16.03 5.77 -18.05
N GLN G 57 15.47 6.53 -17.11
CA GLN G 57 14.86 5.94 -15.87
C GLN G 57 13.89 4.84 -16.28
N GLN G 58 13.05 5.10 -17.26
CA GLN G 58 12.11 4.10 -17.81
C GLN G 58 12.88 2.91 -18.40
N ALA G 59 13.95 3.17 -19.14
CA ALA G 59 14.64 2.07 -19.79
C ALA G 59 15.35 1.16 -18.80
N ILE G 60 15.85 1.69 -17.69
CA ILE G 60 16.52 0.84 -16.70
C ILE G 60 15.59 0.46 -15.54
N SER G 61 14.29 0.72 -15.66
CA SER G 61 13.38 0.49 -14.56
C SER G 61 13.24 -0.98 -14.20
N TYR G 62 13.58 -1.90 -15.11
CA TYR G 62 13.56 -3.32 -14.80
C TYR G 62 14.92 -3.86 -14.37
N SER G 63 15.92 -2.98 -14.18
CA SER G 63 17.25 -3.40 -13.75
C SER G 63 17.60 -2.73 -12.43
N SER G 64 18.22 -3.47 -11.52
CA SER G 64 18.81 -2.84 -10.36
C SER G 64 20.29 -2.56 -10.56
N PHE G 65 20.83 -2.84 -11.75
CA PHE G 65 22.23 -2.58 -12.00
C PHE G 65 22.52 -1.09 -12.10
N PRO G 66 23.75 -0.68 -11.85
CA PRO G 66 24.19 0.67 -12.23
C PRO G 66 24.74 0.71 -13.64
N PHE G 67 24.54 1.85 -14.30
CA PHE G 67 24.97 2.03 -15.68
C PHE G 67 25.82 3.29 -15.77
N TRP G 68 27.05 3.13 -16.22
CA TRP G 68 27.92 4.27 -16.46
C TRP G 68 27.27 5.22 -17.45
N MET G 69 27.46 6.50 -17.17
CA MET G 69 27.09 7.55 -18.13
C MET G 69 28.36 8.35 -18.45
N GLY G 70 28.32 9.23 -19.47
CA GLY G 70 29.55 9.95 -19.87
C GLY G 70 29.92 11.11 -18.97
N LEU G 71 29.34 11.20 -17.77
CA LEU G 71 29.67 12.28 -16.81
C LEU G 71 30.89 11.87 -15.98
N SER G 72 31.95 12.69 -16.00
CA SER G 72 33.21 12.34 -15.27
C SER G 72 34.02 13.58 -14.90
N ARG G 73 34.96 13.41 -13.99
CA ARG G 73 35.85 14.51 -13.56
C ARG G 73 37.12 13.92 -12.97
N ARG G 74 38.22 14.64 -13.13
CA ARG G 74 39.52 14.15 -12.60
C ARG G 74 39.41 13.99 -11.07
N ASN G 75 39.05 15.08 -10.40
CA ASN G 75 39.00 15.09 -8.92
C ASN G 75 37.96 16.13 -8.53
N PRO G 76 37.59 16.28 -7.24
CA PRO G 76 36.51 17.19 -6.84
C PRO G 76 36.75 18.69 -7.05
N SER G 77 37.94 19.05 -7.49
CA SER G 77 38.14 20.47 -7.75
C SER G 77 37.57 20.91 -9.11
N TYR G 78 37.35 19.95 -10.03
CA TYR G 78 36.91 20.23 -11.38
C TYR G 78 35.40 19.99 -11.52
N PRO G 79 34.73 20.66 -12.45
CA PRO G 79 33.29 20.48 -12.60
C PRO G 79 32.97 19.10 -13.16
N TRP G 80 31.74 18.66 -12.93
CA TRP G 80 31.23 17.51 -13.66
C TRP G 80 31.03 17.91 -15.10
N LEU G 81 31.60 17.13 -16.03
CA LEU G 81 31.51 17.41 -17.46
C LEU G 81 31.15 16.13 -18.21
N TRP G 82 30.29 16.24 -19.22
CA TRP G 82 30.07 15.14 -20.15
C TRP G 82 31.33 14.93 -21.02
N GLU G 83 31.34 13.90 -21.85
CA GLU G 83 32.54 13.62 -22.63
C GLU G 83 32.85 14.76 -23.59
N ASP G 84 31.84 15.50 -24.06
CA ASP G 84 32.04 16.56 -25.05
C ASP G 84 32.46 17.89 -24.43
N GLY G 85 32.79 17.94 -23.14
CA GLY G 85 33.18 19.19 -22.50
C GLY G 85 32.06 19.97 -21.84
N SER G 86 30.79 19.67 -22.11
CA SER G 86 29.70 20.50 -21.62
C SER G 86 29.38 20.18 -20.16
N PRO G 87 28.95 21.18 -19.38
CA PRO G 87 28.71 20.97 -17.95
C PRO G 87 27.41 20.24 -17.68
N LEU G 88 27.28 19.74 -16.46
CA LEU G 88 26.05 19.14 -15.99
C LEU G 88 25.05 20.25 -15.67
N MET G 89 23.87 20.19 -16.28
CA MET G 89 22.83 21.14 -15.91
C MET G 89 22.28 20.76 -14.54
N PRO G 90 22.27 21.67 -13.56
CA PRO G 90 21.95 21.25 -12.16
C PRO G 90 20.56 20.65 -11.98
N HIS G 91 19.55 21.15 -12.70
CA HIS G 91 18.18 20.68 -12.53
C HIS G 91 17.99 19.23 -12.95
N LEU G 92 18.96 18.65 -13.66
CA LEU G 92 18.81 17.29 -14.12
C LEU G 92 18.81 16.30 -12.96
N PHE G 93 19.81 16.40 -12.08
CA PHE G 93 19.93 15.55 -10.90
C PHE G 93 21.07 16.09 -10.05
N ARG G 94 21.09 15.71 -8.78
CA ARG G 94 22.27 15.91 -7.96
C ARG G 94 23.06 14.62 -7.94
N VAL G 95 24.38 14.71 -8.08
CA VAL G 95 25.23 13.53 -8.08
C VAL G 95 25.48 13.12 -6.64
N ARG G 96 24.92 11.97 -6.24
CA ARG G 96 25.10 11.42 -4.90
C ARG G 96 26.35 10.55 -4.83
N GLY G 97 26.56 9.89 -3.69
CA GLY G 97 27.65 8.90 -3.61
C GLY G 97 29.01 9.45 -3.25
N ALA G 98 30.10 8.92 -3.81
CA ALA G 98 31.49 9.33 -3.46
C ALA G 98 31.90 10.62 -4.15
N VAL G 99 31.34 11.73 -3.71
CA VAL G 99 31.57 13.01 -4.44
C VAL G 99 32.86 13.70 -3.99
N SER G 100 33.33 13.48 -2.77
CA SER G 100 34.50 14.19 -2.25
C SER G 100 35.81 13.44 -2.41
N GLN G 101 35.77 12.14 -2.63
CA GLN G 101 36.98 11.35 -2.78
C GLN G 101 37.70 11.70 -4.07
N THR G 102 38.99 11.40 -4.09
CA THR G 102 39.83 11.50 -5.28
C THR G 102 40.30 10.09 -5.62
N TYR G 103 40.36 9.78 -6.92
CA TYR G 103 40.80 8.47 -7.35
C TYR G 103 41.80 8.61 -8.48
N PRO G 104 42.68 7.63 -8.65
CA PRO G 104 43.76 7.77 -9.65
C PRO G 104 43.25 7.87 -11.09
N SER G 105 42.14 7.22 -11.41
CA SER G 105 41.59 7.22 -12.76
C SER G 105 40.41 8.17 -12.92
N GLY G 106 40.15 9.02 -11.92
CA GLY G 106 39.05 9.95 -11.96
C GLY G 106 37.81 9.42 -11.26
N THR G 107 36.84 10.31 -11.09
CA THR G 107 35.52 9.98 -10.59
C THR G 107 34.51 10.06 -11.73
N CYS G 108 33.64 9.06 -11.82
CA CYS G 108 32.68 8.94 -12.89
C CYS G 108 31.29 8.75 -12.28
N ALA G 109 30.24 8.90 -13.08
CA ALA G 109 28.89 8.81 -12.55
C ALA G 109 28.14 7.69 -13.25
N TYR G 110 27.39 6.91 -12.46
CA TYR G 110 26.48 5.95 -13.01
C TYR G 110 25.07 6.30 -12.55
N ILE G 111 24.08 5.79 -13.29
CA ILE G 111 22.67 5.96 -12.98
C ILE G 111 22.13 4.64 -12.47
N GLN G 112 21.32 4.70 -11.43
CA GLN G 112 20.79 3.49 -10.81
C GLN G 112 19.40 3.79 -10.34
N ARG G 113 18.42 3.06 -10.82
CA ARG G 113 17.09 3.23 -10.19
C ARG G 113 16.71 4.69 -10.10
N GLY G 114 16.79 5.39 -11.22
CA GLY G 114 16.37 6.81 -11.26
C GLY G 114 17.43 7.79 -10.74
N ALA G 115 18.28 7.38 -9.80
CA ALA G 115 19.24 8.32 -9.22
C ALA G 115 20.65 8.10 -9.76
N VAL G 116 21.50 9.13 -9.62
CA VAL G 116 22.85 9.15 -10.15
C VAL G 116 23.85 9.24 -9.01
N TYR G 117 24.94 8.47 -9.11
CA TYR G 117 25.93 8.36 -8.04
C TYR G 117 27.33 8.49 -8.59
N ALA G 118 28.22 9.12 -7.81
CA ALA G 118 29.63 9.23 -8.18
C ALA G 118 30.38 7.98 -7.73
N GLU G 119 31.39 7.58 -8.52
CA GLU G 119 32.12 6.36 -8.16
C GLU G 119 33.47 6.32 -8.88
N ASN G 120 34.43 5.62 -8.26
CA ASN G 120 35.73 5.37 -8.87
C ASN G 120 35.62 4.85 -10.30
N CYS G 121 36.40 5.44 -11.21
CA CYS G 121 36.29 5.05 -12.60
C CYS G 121 36.92 3.70 -12.92
N ILE G 122 37.66 3.05 -12.01
CA ILE G 122 38.17 1.72 -12.37
C ILE G 122 37.09 0.68 -12.18
N LEU G 123 36.13 0.97 -11.30
CA LEU G 123 35.07 0.00 -10.94
C LEU G 123 34.30 -0.45 -12.18
N ALA G 124 33.81 -1.67 -12.13
CA ALA G 124 33.17 -2.29 -13.26
C ALA G 124 31.67 -2.08 -13.14
N ALA G 125 31.06 -1.59 -14.21
CA ALA G 125 29.62 -1.44 -14.27
C ALA G 125 29.20 -1.64 -15.72
N PHE G 126 27.96 -2.07 -15.90
CA PHE G 126 27.39 -1.97 -17.22
C PHE G 126 27.30 -0.50 -17.60
N SER G 127 26.99 -0.25 -18.86
CA SER G 127 27.02 1.12 -19.34
C SER G 127 25.91 1.29 -20.37
N ILE G 128 25.60 2.55 -20.69
CA ILE G 128 24.63 2.87 -21.73
C ILE G 128 25.37 3.65 -22.80
N CYS G 129 25.22 3.23 -24.05
CA CYS G 129 25.77 3.89 -25.22
C CYS G 129 24.66 4.59 -26.00
N GLN G 130 25.07 5.57 -26.81
CA GLN G 130 24.18 6.53 -27.46
C GLN G 130 24.75 6.90 -28.83
N LYS G 131 23.90 6.97 -29.84
CA LYS G 131 24.32 7.54 -31.12
C LYS G 131 23.09 8.09 -31.84
N LYS G 132 23.33 8.98 -32.80
CA LYS G 132 22.22 9.60 -33.49
C LYS G 132 21.41 8.58 -34.30
N ALA G 133 20.08 8.69 -34.20
CA ALA G 133 19.21 7.96 -35.09
C ALA G 133 19.39 8.48 -36.51
N ASN G 134 18.92 7.69 -37.48
CA ASN G 134 19.13 8.05 -38.87
C ASN G 134 18.06 9.01 -39.38
N LEU G 135 16.81 8.65 -39.17
CA LEU G 135 15.69 9.58 -39.42
C LEU G 135 15.71 10.14 -40.84
N ARG G 136 15.63 11.46 -40.99
CA ARG G 136 15.73 12.05 -42.33
C ARG G 136 17.18 12.54 -42.53
N CYS H 5 11.06 4.43 -46.08
CA CYS H 5 10.25 5.46 -45.45
C CYS H 5 9.93 5.15 -43.98
N SER H 6 9.17 4.07 -43.75
CA SER H 6 8.56 3.78 -42.47
C SER H 6 9.52 3.04 -41.52
N ALA H 7 9.39 3.33 -40.20
CA ALA H 7 10.29 2.75 -39.22
C ALA H 7 9.83 1.35 -38.82
N PRO H 8 10.77 0.40 -38.68
CA PRO H 8 10.38 -0.96 -38.24
C PRO H 8 9.58 -0.98 -36.94
N CYS H 9 10.01 -0.24 -35.93
CA CYS H 9 9.37 -0.24 -34.61
C CYS H 9 9.18 1.18 -34.10
N PRO H 10 8.15 1.42 -33.30
CA PRO H 10 7.94 2.76 -32.76
C PRO H 10 8.96 3.07 -31.69
N GLN H 11 9.09 4.37 -31.39
CA GLN H 11 10.04 4.80 -30.36
C GLN H 11 9.80 4.03 -29.07
N ASP H 12 10.90 3.85 -28.32
CA ASP H 12 10.98 3.18 -27.02
C ASP H 12 10.91 1.65 -27.11
N TRP H 13 10.57 1.06 -28.26
CA TRP H 13 10.55 -0.38 -28.46
C TRP H 13 11.94 -0.88 -28.85
N ILE H 14 12.15 -2.20 -28.73
CA ILE H 14 13.36 -2.86 -29.18
C ILE H 14 13.04 -3.63 -30.45
N TRP H 15 13.80 -3.41 -31.50
CA TRP H 15 13.59 -4.11 -32.74
C TRP H 15 14.52 -5.32 -32.75
N HIS H 16 13.94 -6.51 -32.88
CA HIS H 16 14.75 -7.72 -32.95
C HIS H 16 14.09 -8.69 -33.92
N GLY H 17 14.84 -9.10 -34.93
CA GLY H 17 14.28 -10.03 -35.91
C GLY H 17 13.13 -9.37 -36.65
N GLU H 18 12.00 -10.06 -36.68
CA GLU H 18 10.82 -9.55 -37.35
C GLU H 18 9.82 -8.97 -36.36
N ASN H 19 10.19 -8.84 -35.09
CA ASN H 19 9.31 -8.40 -34.02
C ASN H 19 9.81 -7.11 -33.40
N CYS H 20 8.90 -6.42 -32.71
CA CYS H 20 9.21 -5.32 -31.81
C CYS H 20 8.81 -5.72 -30.39
N TYR H 21 9.63 -5.35 -29.40
CA TYR H 21 9.41 -5.68 -28.00
C TYR H 21 9.43 -4.40 -27.17
N LEU H 22 8.51 -4.30 -26.23
CA LEU H 22 8.41 -3.13 -25.35
C LEU H 22 8.41 -3.64 -23.92
N PHE H 23 9.43 -3.26 -23.17
CA PHE H 23 9.50 -3.65 -21.77
C PHE H 23 8.65 -2.69 -20.95
N SER H 24 7.88 -3.23 -20.01
CA SER H 24 7.08 -2.37 -19.15
C SER H 24 7.99 -1.50 -18.29
N SER H 25 7.42 -0.41 -17.76
CA SER H 25 8.21 0.46 -16.89
C SER H 25 7.88 0.26 -15.43
N GLY H 26 6.95 -0.63 -15.14
CA GLY H 26 6.62 -1.02 -13.81
C GLY H 26 5.87 -2.33 -13.86
N SER H 27 5.36 -2.73 -12.71
CA SER H 27 4.77 -4.04 -12.54
C SER H 27 3.27 -3.91 -12.32
N PHE H 28 2.53 -4.82 -12.95
CA PHE H 28 1.08 -4.76 -13.05
C PHE H 28 0.60 -6.18 -13.21
N ASN H 29 -0.66 -6.43 -12.84
CA ASN H 29 -1.14 -7.79 -12.94
C ASN H 29 -1.30 -8.19 -14.41
N TRP H 30 -1.53 -9.50 -14.63
CA TRP H 30 -1.51 -10.00 -16.00
C TRP H 30 -2.57 -9.33 -16.85
N GLU H 31 -3.79 -9.20 -16.30
CA GLU H 31 -4.87 -8.60 -17.09
C GLU H 31 -4.54 -7.18 -17.51
N LYS H 32 -4.00 -6.38 -16.60
CA LYS H 32 -3.58 -5.01 -16.93
C LYS H 32 -2.43 -5.00 -17.94
N SER H 33 -1.46 -5.91 -17.77
CA SER H 33 -0.41 -6.02 -18.77
C SER H 33 -0.98 -6.38 -20.12
N GLN H 34 -1.90 -7.35 -20.16
CA GLN H 34 -2.53 -7.71 -21.42
C GLN H 34 -3.24 -6.49 -22.03
N GLU H 35 -3.97 -5.76 -21.21
CA GLU H 35 -4.66 -4.55 -21.69
C GLU H 35 -3.68 -3.56 -22.29
N LYS H 36 -2.53 -3.38 -21.68
CA LYS H 36 -1.54 -2.43 -22.24
C LYS H 36 -1.13 -2.86 -23.65
N CYS H 37 -0.81 -4.12 -23.84
CA CYS H 37 -0.29 -4.54 -25.14
C CYS H 37 -1.37 -4.43 -26.19
N LEU H 38 -2.59 -4.88 -25.89
CA LEU H 38 -3.68 -4.75 -26.84
C LEU H 38 -3.89 -3.28 -27.22
N SER H 39 -3.79 -2.37 -26.25
CA SER H 39 -3.96 -0.95 -26.54
C SER H 39 -2.88 -0.44 -27.49
N LEU H 40 -1.81 -1.21 -27.68
CA LEU H 40 -0.72 -0.84 -28.54
C LEU H 40 -0.68 -1.67 -29.80
N ASP H 41 -1.80 -2.34 -30.12
CA ASP H 41 -1.88 -3.24 -31.28
C ASP H 41 -0.79 -4.31 -31.19
N ALA H 42 -0.53 -4.76 -29.97
CA ALA H 42 0.45 -5.81 -29.76
C ALA H 42 -0.18 -6.89 -28.93
N LYS H 43 0.66 -7.81 -28.47
CA LYS H 43 0.21 -8.84 -27.52
C LYS H 43 1.32 -9.06 -26.49
N LEU H 44 1.00 -9.76 -25.42
CA LEU H 44 2.05 -10.09 -24.41
C LEU H 44 3.10 -11.01 -25.05
N LEU H 45 4.31 -11.03 -24.49
CA LEU H 45 5.44 -11.83 -25.06
C LEU H 45 4.97 -13.21 -25.56
N LYS H 46 5.20 -13.52 -26.84
CA LYS H 46 4.93 -14.88 -27.40
C LYS H 46 6.25 -15.53 -27.84
N ILE H 47 6.72 -16.48 -27.04
CA ILE H 47 7.99 -17.11 -27.34
C ILE H 47 7.76 -18.27 -28.29
N ASN H 48 8.15 -18.11 -29.55
CA ASN H 48 7.80 -19.13 -30.55
C ASN H 48 9.00 -19.95 -31.01
N SER H 49 10.20 -19.68 -30.51
CA SER H 49 11.38 -20.43 -30.91
C SER H 49 12.42 -20.37 -29.82
N THR H 50 13.43 -21.25 -29.92
CA THR H 50 14.57 -21.18 -29.01
C THR H 50 15.32 -19.85 -29.16
N ALA H 51 15.41 -19.33 -30.39
CA ALA H 51 16.06 -18.03 -30.60
C ALA H 51 15.30 -16.91 -29.89
N ASP H 52 13.95 -16.93 -29.94
CA ASP H 52 13.13 -16.02 -29.14
C ASP H 52 13.46 -16.14 -27.65
N LEU H 53 13.38 -17.36 -27.11
CA LEU H 53 13.71 -17.57 -25.71
C LEU H 53 15.11 -17.06 -25.41
N ASP H 54 16.07 -17.43 -26.25
CA ASP H 54 17.42 -16.97 -26.02
C ASP H 54 17.51 -15.44 -26.07
N PHE H 55 16.79 -14.81 -26.99
CA PHE H 55 16.85 -13.35 -27.06
C PHE H 55 16.31 -12.72 -25.79
N ILE H 56 15.17 -13.23 -25.29
CA ILE H 56 14.54 -12.65 -24.11
C ILE H 56 15.39 -12.92 -22.89
N GLN H 57 15.97 -14.12 -22.78
CA GLN H 57 16.85 -14.41 -21.66
C GLN H 57 17.98 -13.40 -21.59
N GLN H 58 18.49 -12.99 -22.73
CA GLN H 58 19.59 -12.00 -22.73
C GLN H 58 19.05 -10.62 -22.35
N ALA H 59 17.89 -10.28 -22.91
CA ALA H 59 17.30 -8.97 -22.62
C ALA H 59 16.96 -8.81 -21.14
N ILE H 60 16.51 -9.88 -20.46
CA ILE H 60 16.19 -9.76 -19.05
C ILE H 60 17.34 -10.13 -18.14
N SER H 61 18.50 -10.48 -18.71
CA SER H 61 19.65 -10.83 -17.88
C SER H 61 20.15 -9.64 -17.05
N TYR H 62 19.73 -8.42 -17.37
CA TYR H 62 19.99 -7.29 -16.49
C TYR H 62 19.08 -7.24 -15.26
N SER H 63 18.24 -8.25 -15.06
CA SER H 63 17.08 -8.11 -14.20
C SER H 63 16.83 -9.35 -13.37
N SER H 64 16.51 -9.17 -12.09
CA SER H 64 16.08 -10.30 -11.27
C SER H 64 14.55 -10.38 -11.17
N PHE H 65 13.83 -9.53 -11.87
CA PHE H 65 12.40 -9.34 -11.74
C PHE H 65 11.64 -10.38 -12.56
N PRO H 66 10.37 -10.58 -12.26
CA PRO H 66 9.56 -11.45 -13.10
C PRO H 66 8.88 -10.66 -14.21
N PHE H 67 8.71 -11.33 -15.35
CA PHE H 67 8.11 -10.70 -16.54
C PHE H 67 7.00 -11.59 -17.08
N TRP H 68 5.77 -11.09 -17.12
CA TRP H 68 4.66 -11.87 -17.64
C TRP H 68 4.85 -12.13 -19.12
N MET H 69 4.54 -13.36 -19.58
CA MET H 69 4.36 -13.53 -21.00
C MET H 69 2.89 -13.85 -21.26
N GLY H 70 2.55 -14.06 -22.53
CA GLY H 70 1.15 -14.26 -22.88
C GLY H 70 0.59 -15.66 -22.75
N LEU H 71 1.24 -16.51 -21.97
CA LEU H 71 0.85 -17.91 -21.85
C LEU H 71 0.06 -18.10 -20.57
N SER H 72 -1.10 -18.76 -20.67
CA SER H 72 -1.97 -18.91 -19.51
C SER H 72 -2.91 -20.08 -19.72
N ARG H 73 -3.52 -20.51 -18.62
CA ARG H 73 -4.61 -21.48 -18.67
C ARG H 73 -5.37 -21.39 -17.36
N ARG H 74 -6.54 -22.03 -17.34
CA ARG H 74 -7.37 -22.08 -16.15
C ARG H 74 -7.46 -23.47 -15.56
N ASN H 75 -7.48 -24.49 -16.40
CA ASN H 75 -7.58 -25.87 -15.97
C ASN H 75 -6.23 -26.53 -16.17
N PRO H 76 -5.59 -27.00 -15.10
CA PRO H 76 -4.23 -27.56 -15.24
C PRO H 76 -4.20 -28.84 -16.07
N SER H 77 -5.33 -29.52 -16.26
CA SER H 77 -5.33 -30.69 -17.13
C SER H 77 -5.54 -30.33 -18.61
N TYR H 78 -5.73 -29.01 -18.95
CA TYR H 78 -5.85 -28.48 -20.32
C TYR H 78 -4.55 -27.80 -20.72
N PRO H 79 -4.33 -27.56 -22.01
CA PRO H 79 -3.01 -27.08 -22.43
C PRO H 79 -2.78 -25.59 -22.11
N TRP H 80 -1.51 -25.24 -21.95
CA TRP H 80 -1.12 -23.85 -21.92
C TRP H 80 -1.44 -23.24 -23.27
N LEU H 81 -1.95 -22.00 -23.28
CA LEU H 81 -2.26 -21.36 -24.54
C LEU H 81 -1.77 -19.92 -24.56
N TRP H 82 -1.20 -19.53 -25.70
CA TRP H 82 -0.94 -18.13 -25.93
C TRP H 82 -2.27 -17.38 -26.13
N GLU H 83 -2.23 -16.06 -25.94
CA GLU H 83 -3.45 -15.25 -26.06
C GLU H 83 -4.17 -15.50 -27.37
N ASP H 84 -3.44 -15.70 -28.46
CA ASP H 84 -4.06 -15.90 -29.77
C ASP H 84 -4.67 -17.30 -29.95
N GLY H 85 -4.55 -18.17 -28.96
CA GLY H 85 -5.15 -19.49 -29.01
C GLY H 85 -4.29 -20.54 -29.65
N SER H 86 -2.99 -20.26 -29.85
CA SER H 86 -2.05 -21.29 -30.26
C SER H 86 -1.44 -21.96 -29.03
N PRO H 87 -1.02 -23.21 -29.15
CA PRO H 87 -0.42 -23.89 -28.01
C PRO H 87 1.05 -23.54 -27.87
N LEU H 88 1.60 -23.89 -26.73
CA LEU H 88 3.03 -23.75 -26.51
C LEU H 88 3.77 -24.74 -27.41
N MET H 89 4.69 -24.22 -28.20
CA MET H 89 5.54 -25.09 -29.02
C MET H 89 6.11 -26.19 -28.13
N PRO H 90 5.98 -27.46 -28.51
CA PRO H 90 6.58 -28.57 -27.74
C PRO H 90 8.11 -28.50 -27.60
N HIS H 91 8.63 -28.88 -26.43
CA HIS H 91 10.10 -28.99 -26.20
C HIS H 91 10.84 -27.66 -26.34
N LEU H 92 10.16 -26.60 -26.00
CA LEU H 92 10.78 -25.30 -26.13
C LEU H 92 11.24 -24.72 -24.79
N PHE H 93 10.42 -24.85 -23.74
CA PHE H 93 10.86 -24.65 -22.36
C PHE H 93 9.87 -25.41 -21.49
N ARG H 94 10.28 -25.71 -20.27
CA ARG H 94 9.35 -26.29 -19.31
C ARG H 94 8.86 -25.18 -18.39
N VAL H 95 7.58 -25.22 -18.08
CA VAL H 95 7.03 -24.30 -17.11
C VAL H 95 7.24 -24.92 -15.73
N ARG H 96 7.96 -24.22 -14.87
CA ARG H 96 8.30 -24.69 -13.53
C ARG H 96 7.30 -24.15 -12.51
N GLY H 97 7.44 -24.59 -11.27
CA GLY H 97 6.58 -24.10 -10.20
C GLY H 97 5.33 -24.93 -10.07
N ALA H 98 4.30 -24.30 -9.50
CA ALA H 98 3.07 -25.03 -9.17
C ALA H 98 2.14 -25.03 -10.39
N VAL H 99 2.54 -25.80 -11.40
CA VAL H 99 1.80 -25.84 -12.65
C VAL H 99 0.44 -26.50 -12.53
N SER H 100 0.17 -27.17 -11.42
CA SER H 100 -1.07 -27.93 -11.24
C SER H 100 -2.10 -27.20 -10.38
N GLN H 101 -1.79 -25.99 -9.93
CA GLN H 101 -2.65 -25.22 -9.06
C GLN H 101 -3.64 -24.37 -9.86
N THR H 102 -4.85 -24.27 -9.34
CA THR H 102 -5.90 -23.40 -9.88
C THR H 102 -6.00 -22.14 -9.02
N TYR H 103 -6.23 -21.00 -9.67
CA TYR H 103 -6.43 -19.73 -8.97
C TYR H 103 -7.71 -19.07 -9.46
N PRO H 104 -8.33 -18.20 -8.64
CA PRO H 104 -9.54 -17.49 -9.11
C PRO H 104 -9.42 -16.89 -10.50
N SER H 105 -8.35 -16.15 -10.80
CA SER H 105 -8.22 -15.56 -12.12
C SER H 105 -7.24 -16.33 -13.03
N GLY H 106 -7.04 -17.62 -12.78
CA GLY H 106 -6.27 -18.46 -13.67
C GLY H 106 -4.79 -18.46 -13.37
N THR H 107 -4.07 -19.31 -14.13
CA THR H 107 -2.62 -19.48 -13.99
C THR H 107 -1.93 -18.87 -15.20
N CYS H 108 -0.91 -18.06 -14.97
CA CYS H 108 -0.19 -17.38 -16.04
C CYS H 108 1.29 -17.72 -15.92
N ALA H 109 2.00 -17.60 -17.02
CA ALA H 109 3.42 -17.92 -17.02
C ALA H 109 4.25 -16.63 -17.05
N TYR H 110 5.37 -16.65 -16.35
CA TYR H 110 6.30 -15.55 -16.38
C TYR H 110 7.71 -16.12 -16.45
N ILE H 111 8.62 -15.27 -16.89
CA ILE H 111 10.03 -15.59 -16.97
C ILE H 111 10.77 -14.80 -15.90
N GLN H 112 11.65 -15.48 -15.17
CA GLN H 112 12.45 -14.81 -14.17
C GLN H 112 13.80 -15.50 -14.13
N ARG H 113 14.88 -14.73 -14.20
CA ARG H 113 16.23 -15.28 -14.30
C ARG H 113 16.28 -16.40 -15.34
N GLY H 114 15.73 -16.11 -16.53
CA GLY H 114 15.82 -17.00 -17.66
C GLY H 114 14.95 -18.25 -17.61
N ALA H 115 14.31 -18.55 -16.49
CA ALA H 115 13.45 -19.72 -16.38
C ALA H 115 12.00 -19.27 -16.37
N VAL H 116 11.09 -20.17 -16.76
CA VAL H 116 9.68 -19.85 -16.92
C VAL H 116 8.89 -20.55 -15.82
N TYR H 117 8.02 -19.80 -15.15
CA TYR H 117 7.28 -20.29 -13.99
C TYR H 117 5.79 -20.03 -14.15
N ALA H 118 4.98 -20.85 -13.48
CA ALA H 118 3.54 -20.62 -13.39
C ALA H 118 3.21 -19.82 -12.13
N GLU H 119 2.21 -18.95 -12.21
CA GLU H 119 1.85 -18.23 -11.02
C GLU H 119 0.43 -17.68 -11.18
N ASN H 120 -0.16 -17.33 -10.06
CA ASN H 120 -1.50 -16.69 -10.01
C ASN H 120 -1.47 -15.43 -10.84
N CYS H 121 -2.44 -15.35 -11.74
CA CYS H 121 -2.43 -14.21 -12.67
C CYS H 121 -2.69 -12.87 -11.97
N ILE H 122 -3.15 -12.87 -10.73
CA ILE H 122 -3.45 -11.62 -10.05
C ILE H 122 -2.18 -10.90 -9.57
N LEU H 123 -1.05 -11.60 -9.51
CA LEU H 123 0.18 -10.95 -9.08
C LEU H 123 0.61 -9.86 -10.07
N ALA H 124 1.33 -8.87 -9.56
CA ALA H 124 1.81 -7.78 -10.38
C ALA H 124 3.27 -8.03 -10.75
N ALA H 125 3.56 -8.06 -12.04
CA ALA H 125 4.91 -8.34 -12.50
C ALA H 125 5.23 -7.38 -13.62
N PHE H 126 6.50 -7.32 -13.99
CA PHE H 126 6.82 -6.61 -15.23
C PHE H 126 6.26 -7.40 -16.41
N SER H 127 6.30 -6.80 -17.58
CA SER H 127 5.83 -7.54 -18.74
C SER H 127 6.59 -7.07 -19.97
N ILE H 128 6.38 -7.80 -21.07
CA ILE H 128 6.98 -7.48 -22.36
C ILE H 128 5.87 -7.56 -23.39
N CYS H 129 5.66 -6.47 -24.15
CA CYS H 129 4.73 -6.46 -25.27
C CYS H 129 5.50 -6.76 -26.54
N GLN H 130 4.83 -7.38 -27.50
CA GLN H 130 5.46 -7.81 -28.73
C GLN H 130 4.50 -7.61 -29.90
N LYS H 131 5.05 -7.14 -31.01
CA LYS H 131 4.27 -6.93 -32.25
C LYS H 131 5.21 -7.10 -33.45
N LYS H 132 4.65 -7.48 -34.59
CA LYS H 132 5.43 -7.56 -35.83
C LYS H 132 6.10 -6.23 -36.12
N ALA H 133 7.35 -6.29 -36.56
CA ALA H 133 8.01 -5.11 -37.05
C ALA H 133 7.52 -4.82 -38.46
N ASN H 134 7.71 -3.58 -38.90
CA ASN H 134 7.24 -3.18 -40.22
C ASN H 134 8.35 -3.37 -41.25
N LEU H 135 8.02 -4.08 -42.34
CA LEU H 135 8.95 -4.39 -43.44
C LEU H 135 10.30 -4.93 -42.98
N ARG H 136 11.35 -4.57 -43.73
CA ARG H 136 12.67 -5.17 -43.56
C ARG H 136 13.78 -4.12 -43.63
N3 NJT I . -8.24 9.65 3.75
C4 NJT I . -7.32 8.78 1.68
C7 NJT I . -9.32 10.33 4.28
C8 NJT I . -6.92 9.92 4.32
C10 NJT I . -11.21 8.81 3.43
C15 NJT I . -12.56 8.67 3.09
C17 NJT I . -5.33 9.67 6.22
C1 NJT I . -8.31 8.73 2.66
C2 NJT I . -9.32 7.75 2.60
N5 NJT I . -10.40 7.66 3.47
N6 NJT I . -9.30 6.83 1.61
C9 NJT I . -7.33 7.84 0.67
C11 NJT I . -8.33 6.89 0.68
C12 NJT I . -10.70 10.08 3.78
O13 NJT I . -9.16 11.17 5.15
C14 NJT I . -6.74 9.37 5.72
C16 NJT I . -11.55 11.18 3.75
C18 NJT I . -13.36 9.80 3.10
C19 NJT I . -12.87 11.04 3.40
CL1 NJT I . -15.05 9.61 2.74
N3 NJT J . -8.83 7.58 9.71
C4 NJT J . -8.06 5.61 10.90
C7 NJT J . -9.06 8.92 9.84
C8 NJT J . -9.81 6.81 8.93
C10 NJT J . -6.65 9.67 10.34
C15 NJT J . -5.79 10.65 10.82
C17 NJT J . -10.72 6.10 6.73
C1 NJT J . -7.78 6.85 10.34
C2 NJT J . -6.44 7.32 10.25
N5 NJT J . -6.07 8.53 9.73
N6 NJT J . -5.44 6.54 10.68
C9 NJT J . -7.00 4.84 11.33
C11 NJT J . -5.71 5.33 11.19
C12 NJT J . -8.03 9.81 10.48
O13 NJT J . -10.09 9.41 9.45
C14 NJT J . -9.82 7.12 7.44
C16 NJT J . -8.55 10.93 11.13
C18 NJT J . -6.34 11.75 11.46
C19 NJT J . -7.70 11.89 11.63
CL1 NJT J . -5.27 12.94 12.12
C1 GOL K . -12.66 12.43 18.12
O1 GOL K . -11.40 12.70 18.71
C2 GOL K . -13.75 13.39 18.54
O2 GOL K . -13.23 14.72 18.69
C3 GOL K . -14.95 13.35 17.62
O3 GOL K . -15.70 14.57 17.59
C1 GOL L . -22.44 5.76 -7.56
O1 GOL L . -23.37 6.83 -7.51
C2 GOL L . -22.52 4.92 -6.32
O2 GOL L . -23.86 4.49 -6.11
C3 GOL L . -21.57 3.74 -6.32
O3 GOL L . -21.73 2.93 -7.48
C1 GOL M . -18.80 10.96 23.94
O1 GOL M . -19.92 10.47 24.67
C2 GOL M . -18.56 12.42 24.20
O2 GOL M . -18.04 12.61 25.51
C3 GOL M . -17.67 13.10 23.18
O3 GOL M . -16.49 12.35 22.93
C1 GOL N . -0.70 23.65 -6.48
O1 GOL N . -1.24 24.74 -7.20
C2 GOL N . -1.04 23.68 -5.00
O2 GOL N . -2.27 24.35 -4.73
C3 GOL N . -1.00 22.32 -4.34
O3 GOL N . -2.23 21.96 -3.72
C1 GOL O . 5.73 13.06 20.95
O1 GOL O . 4.68 12.42 20.22
C2 GOL O . 5.39 14.50 21.22
O2 GOL O . 5.61 15.25 20.03
C3 GOL O . 3.98 14.70 21.70
O3 GOL O . 3.86 15.97 22.34
C1 GOL P . -12.08 19.85 0.06
O1 GOL P . -12.44 20.55 1.24
C2 GOL P . -13.10 18.83 -0.36
O2 GOL P . -14.25 19.49 -0.88
C3 GOL P . -12.58 17.79 -1.34
O3 GOL P . -13.57 16.82 -1.64
C1 GOL Q . 3.89 -20.63 -8.08
O1 GOL Q . 4.79 -21.49 -8.79
C2 GOL Q . 3.77 -21.00 -6.61
O2 GOL Q . 2.93 -20.06 -5.96
C3 GOL Q . 5.10 -21.16 -5.92
O3 GOL Q . 4.97 -21.26 -4.50
C1 GOL R . 20.38 -10.21 -11.70
O1 GOL R . 21.25 -10.81 -12.66
C2 GOL R . 21.14 -9.51 -10.60
O2 GOL R . 20.70 -8.17 -10.47
C3 GOL R . 20.98 -10.13 -9.24
O3 GOL R . 21.85 -11.24 -9.04
N3 NJT S . 6.32 -10.39 -5.33
C4 NJT S . 4.23 -10.02 -4.17
C7 NJT S . 6.96 -11.21 -6.24
C8 NJT S . 7.13 -9.90 -4.21
C10 NJT S . 5.38 -10.92 -8.24
C15 NJT S . 4.89 -11.43 -9.45
C17 NJT S . 8.74 -8.18 -3.42
C1 NJT S . 4.94 -10.03 -5.37
C2 NJT S . 4.32 -9.63 -6.57
N5 NJT S . 4.93 -9.66 -7.81
N6 NJT S . 3.04 -9.21 -6.56
C9 NJT S . 2.90 -9.61 -4.21
C11 NJT S . 2.36 -9.21 -5.40
C12 NJT S . 6.25 -11.69 -7.46
O13 NJT S . 8.10 -11.57 -6.05
C14 NJT S . 7.99 -8.71 -4.60
C16 NJT S . 6.58 -12.98 -7.88
C18 NJT S . 5.28 -12.69 -9.84
C19 NJT S . 6.10 -13.48 -9.07
CL1 NJT S . 4.76 -13.29 -11.40
C1 GOL T . 3.05 -23.88 8.27
O1 GOL T . 2.20 -23.19 9.17
C2 GOL T . 3.91 -22.92 7.48
O2 GOL T . 5.10 -23.55 7.02
C3 GOL T . 4.26 -21.69 8.28
O3 GOL T . 3.68 -20.51 7.71
N3 NJT U . 10.83 -6.83 -7.95
C4 NJT U . 11.20 -4.43 -8.13
C7 NJT U . 11.51 -8.00 -7.77
C8 NJT U . 9.75 -6.85 -8.95
C10 NJT U . 12.41 -7.56 -5.40
C15 NJT U . 13.31 -7.92 -4.39
C17 NJT U . 7.44 -7.40 -9.59
C1 NJT U . 11.14 -5.58 -7.34
C2 NJT U . 11.37 -5.49 -5.94
N5 NJT U . 11.45 -6.59 -5.09
N6 NJT U . 11.59 -4.29 -5.37
C9 NJT U . 11.45 -3.22 -7.51
C11 NJT U . 11.64 -3.20 -6.15
C12 NJT U . 12.52 -8.14 -6.68
O13 NJT U . 11.28 -8.97 -8.47
C14 NJT U . 8.49 -7.57 -8.51
C16 NJT U . 13.56 -9.04 -6.92
C18 NJT U . 14.31 -8.83 -4.67
C19 NJT U . 14.44 -9.40 -5.92
CL1 NJT U . 15.47 -9.22 -3.43
#